data_4UMM
#
_entry.id   4UMM
#
_cell.length_a   1.000
_cell.length_b   1.000
_cell.length_c   1.000
_cell.angle_alpha   90.00
_cell.angle_beta   90.00
_cell.angle_gamma   90.00
#
_symmetry.space_group_name_H-M   'P 1'
#
loop_
_entity.id
_entity.type
_entity.pdbx_description
1 polymer ECR-USP
2 polymer "5'-D(*CP*AP*AP*GP*GP*GP*TP*TP*CP*AP*AP*TP*GP*CP *AP*CP*TP*TP*GP*TP)-3'"
3 polymer "5'-D(*DGP*AP*CP*AP*AP*GP*TP*GP*CP*AP*TP*TP*GP*DAP *AP*CP*CP*CP*TP*T)-3'"
4 polymer 'ECDYSONE RECEPTOR'
5 polymer 'GENE REGULATION PROTEIN'
6 polymer 'ECDYSONE RECEPTOR'
7 non-polymer L-ALPHA-PHOSPHATIDYL-BETA-OLEOYL-GAMMA-PALMITOYL-PHOSPHATIDYLETHANOLAMINE
8 non-polymer 2,3,14,20,22-PENTAHYDROXYCHOLEST-7-EN-6-ONE
9 water water
#
loop_
_entity_poly.entity_id
_entity_poly.type
_entity_poly.pdbx_seq_one_letter_code
_entity_poly.pdbx_strand_id
1 'polypeptide(L)' KHLCSICGDRASGKHYGVYSCEGCKGFFKRTVRKDLTYACREERNCIIDKRQRNRCQYCRYQKCLACGMKREAVQEER A
2 'polydeoxyribonucleotide' (DC)(DA)(DA)(DG)(DG)(DG)(DT)(DT)(DC)(DA)(DA)(DT)(DG)(DC)(DA)(DC)(DT)(DT)(DG)(DT) C
3 'polydeoxyribonucleotide' (DG)(DA)(DC)(DA)(DA)(DG)(DT)(DG)(DC)(DA)(DT)(DT)(DG)(DA)(DA)(DC)(DC)(DC)(DT)(DT) D
4 'polypeptide(L)'
;RQQEELCLVCGDRASGYHYNALTCEGCKGFFRRSVTKNAVYICKFGHACEMDMYMRRKCQECRLKKCLAVGMRPECVVPE
NQCAMKR
;
E
5 'polypeptide(L)'
;AAVQELSIERLLEMESLVADPSEEFQFLRVGPDSNVPPKFRAPVSSLCQIGNKQIAALVVWARDIPHFSQLEMEDQILLI
KGSWNELLLFAIAWRSMEFLTEERDGVDGTGNRTTSPPQLMCLMPGMTLHRNSALQAGVGQIFDRVLSELSLKMRTLRVD
QAEYVALKAIILLNPDVKGLKNRQEVEVLREKMFLCLDEYCRRSRSSEEGRFAALLLRLPALRSISLKSFEHLFFFHLVA
DTSIAGYIRDALRNHAPPIDTNMM
;
F
6 'polypeptide(L)'
;GSHMASMTGGQQMGRDPLKNVPPLTANQKSLIARLVWYQEGYEQPSEEDLKRVTQTWQSDEDDEDSDMPFRQITEMTILT
VQLIVEFAKGLPGFAKISQSDQITLLKACSSEVMMLRVARRYDAATDSVLFANNQAYTRDNYRKAGMAYVIEDLLHFCRC
MYSMMMDNVHYALLTAIVIFSDRPGLEQPLLVEEIQRYYLNTLRVYILNQNSASPRCAVIFGKILGILTEIRTLGMQNSN
MCISLKLKNRKLPPFLEEIWDVADVA
;
G
#
loop_
_chem_comp.id
_chem_comp.type
_chem_comp.name
_chem_comp.formula
DA DNA linking 2'-DEOXYADENOSINE-5'-MONOPHOSPHATE 'C10 H14 N5 O6 P'
DC DNA linking 2'-DEOXYCYTIDINE-5'-MONOPHOSPHATE 'C9 H14 N3 O7 P'
DG DNA linking 2'-DEOXYGUANOSINE-5'-MONOPHOSPHATE 'C10 H14 N5 O7 P'
DT DNA linking THYMIDINE-5'-MONOPHOSPHATE 'C10 H15 N2 O8 P'
EPH non-polymer L-ALPHA-PHOSPHATIDYL-BETA-OLEOYL-GAMMA-PALMITOYL-PHOSPHATIDYLETHANOLAMINE 'C39 H68 N O8 P'
P1A non-polymer 2,3,14,20,22-PENTAHYDROXYCHOLEST-7-EN-6-ONE 'C27 H44 O6'
#
# COMPACT_ATOMS: atom_id res chain seq x y z
N LYS A 1 30.82 13.67 2.95
CA LYS A 1 31.79 14.16 3.95
C LYS A 1 32.97 14.93 3.33
N HIS A 2 33.37 14.45 2.16
CA HIS A 2 34.54 14.95 1.41
C HIS A 2 34.31 16.35 0.81
N LEU A 3 35.44 16.95 0.47
CA LEU A 3 35.51 18.25 -0.22
C LEU A 3 35.92 18.01 -1.68
N CYS A 4 35.40 18.87 -2.55
CA CYS A 4 35.84 18.89 -3.96
C CYS A 4 37.32 19.29 -3.96
N SER A 5 38.15 18.45 -4.61
CA SER A 5 39.60 18.70 -4.65
C SER A 5 39.97 19.90 -5.55
N ILE A 6 39.06 20.23 -6.47
CA ILE A 6 39.21 21.38 -7.38
C ILE A 6 38.90 22.71 -6.69
N CYS A 7 37.74 22.81 -6.05
CA CYS A 7 37.25 24.12 -5.60
C CYS A 7 37.02 24.29 -4.08
N GLY A 8 36.91 23.16 -3.37
CA GLY A 8 36.69 23.19 -1.91
C GLY A 8 35.21 23.16 -1.52
N ASP A 9 34.32 23.25 -2.49
CA ASP A 9 32.88 23.04 -2.24
C ASP A 9 32.66 21.60 -1.74
N ARG A 10 31.51 21.35 -1.10
CA ARG A 10 31.16 20.00 -0.63
C ARG A 10 31.07 19.04 -1.82
N ALA A 11 31.94 18.03 -1.77
CA ALA A 11 31.92 16.94 -2.76
C ALA A 11 30.63 16.11 -2.59
N SER A 12 30.12 15.61 -3.72
CA SER A 12 28.98 14.68 -3.70
C SER A 12 29.43 13.22 -3.90
N GLY A 13 30.75 13.04 -3.80
CA GLY A 13 31.45 11.76 -4.00
C GLY A 13 32.52 11.95 -5.09
N LYS A 14 33.14 10.82 -5.48
CA LYS A 14 34.09 10.82 -6.60
C LYS A 14 33.36 10.91 -7.94
N HIS A 15 33.98 11.65 -8.86
CA HIS A 15 33.47 11.80 -10.24
C HIS A 15 34.67 11.91 -11.18
N TYR A 16 34.66 11.03 -12.18
CA TYR A 16 35.73 10.96 -13.21
C TYR A 16 37.14 10.77 -12.61
N GLY A 17 37.19 10.15 -11.42
CA GLY A 17 38.46 9.84 -10.74
C GLY A 17 38.72 10.61 -9.44
N VAL A 18 38.11 11.77 -9.26
CA VAL A 18 38.42 12.64 -8.12
C VAL A 18 37.18 12.97 -7.28
N TYR A 19 37.40 13.24 -6.00
CA TYR A 19 36.35 13.85 -5.16
C TYR A 19 36.06 15.26 -5.68
N SER A 20 34.76 15.51 -5.90
CA SER A 20 34.31 16.73 -6.58
C SER A 20 32.81 16.97 -6.40
N CYS A 21 32.50 18.26 -6.41
CA CYS A 21 31.11 18.73 -6.29
C CYS A 21 30.36 18.50 -7.60
N GLU A 22 29.04 18.67 -7.53
CA GLU A 22 28.17 18.57 -8.73
C GLU A 22 28.50 19.63 -9.79
N GLY A 23 28.94 20.79 -9.31
CA GLY A 23 29.41 21.92 -10.15
C GLY A 23 30.55 21.49 -11.08
N CYS A 24 31.66 21.07 -10.47
CA CYS A 24 32.86 20.63 -11.20
C CYS A 24 32.65 19.35 -12.03
N LYS A 25 31.82 18.44 -11.51
CA LYS A 25 31.36 17.24 -12.23
C LYS A 25 30.67 17.65 -13.56
N GLY A 26 29.65 18.51 -13.41
CA GLY A 26 28.82 18.99 -14.54
C GLY A 26 29.64 19.78 -15.56
N PHE A 27 30.55 20.60 -15.03
CA PHE A 27 31.46 21.42 -15.85
C PHE A 27 32.42 20.57 -16.67
N PHE A 28 33.04 19.58 -16.03
CA PHE A 28 34.00 18.69 -16.70
C PHE A 28 33.32 17.84 -17.78
N LYS A 29 32.11 17.38 -17.45
CA LYS A 29 31.28 16.59 -18.38
C LYS A 29 30.98 17.38 -19.66
N ARG A 30 30.47 18.61 -19.49
CA ARG A 30 30.11 19.47 -20.63
C ARG A 30 31.32 19.85 -21.50
N THR A 31 32.45 20.09 -20.83
CA THR A 31 33.72 20.44 -21.51
C THR A 31 34.17 19.29 -22.42
N VAL A 32 34.21 18.07 -21.86
CA VAL A 32 34.65 16.87 -22.60
C VAL A 32 33.65 16.47 -23.69
N ARG A 33 32.37 16.45 -23.34
CA ARG A 33 31.28 16.06 -24.26
C ARG A 33 31.28 16.87 -25.56
N LYS A 34 31.33 18.18 -25.40
CA LYS A 34 31.32 19.13 -26.51
C LYS A 34 32.72 19.36 -27.11
N ASP A 35 33.74 18.90 -26.40
CA ASP A 35 35.17 19.04 -26.78
C ASP A 35 35.53 20.53 -26.89
N LEU A 36 35.15 21.27 -25.84
CA LEU A 36 35.39 22.71 -25.75
C LEU A 36 36.82 22.99 -25.31
N THR A 37 37.36 24.07 -25.86
CA THR A 37 38.66 24.60 -25.41
C THR A 37 38.42 26.05 -24.98
N TYR A 38 39.02 26.40 -23.86
CA TYR A 38 38.84 27.74 -23.27
C TYR A 38 40.16 28.53 -23.35
N ALA A 39 40.02 29.84 -23.25
CA ALA A 39 41.17 30.74 -23.18
C ALA A 39 41.07 31.61 -21.92
N CYS A 40 42.13 31.56 -21.12
CA CYS A 40 42.23 32.43 -19.92
C CYS A 40 42.46 33.87 -20.37
N ARG A 41 41.76 34.79 -19.70
CA ARG A 41 41.88 36.23 -20.00
C ARG A 41 42.85 36.92 -19.00
N GLU A 42 43.65 36.10 -18.34
CA GLU A 42 44.66 36.53 -17.35
C GLU A 42 46.01 35.84 -17.62
N GLU A 43 46.52 35.11 -16.64
CA GLU A 43 47.85 34.46 -16.75
C GLU A 43 47.81 32.94 -16.52
N ARG A 44 46.65 32.34 -16.72
CA ARG A 44 46.46 30.87 -16.57
C ARG A 44 46.77 30.34 -15.16
N ASN A 45 46.62 31.22 -14.17
CA ASN A 45 46.80 30.88 -12.74
C ASN A 45 45.67 31.47 -11.88
N CYS A 46 44.49 31.58 -12.47
CA CYS A 46 43.31 32.16 -11.78
C CYS A 46 42.90 31.30 -10.58
N ILE A 47 42.36 31.99 -9.57
CA ILE A 47 41.77 31.33 -8.39
C ILE A 47 40.53 30.54 -8.83
N ILE A 48 40.52 29.27 -8.42
CA ILE A 48 39.37 28.38 -8.60
C ILE A 48 38.97 27.80 -7.24
N ASP A 49 37.99 28.46 -6.62
CA ASP A 49 37.41 27.96 -5.37
C ASP A 49 35.87 27.88 -5.47
N LYS A 50 35.22 27.73 -4.33
CA LYS A 50 33.74 27.64 -4.28
C LYS A 50 33.07 28.99 -4.63
N ARG A 51 33.80 30.06 -4.41
CA ARG A 51 33.34 31.46 -4.60
C ARG A 51 33.40 31.95 -6.04
N GLN A 52 34.58 31.85 -6.66
CA GLN A 52 34.80 32.41 -8.02
C GLN A 52 35.27 31.41 -9.08
N ARG A 53 34.88 30.14 -8.91
CA ARG A 53 35.23 29.08 -9.89
C ARG A 53 34.71 29.35 -11.31
N ASN A 54 33.61 30.10 -11.39
CA ASN A 54 32.96 30.44 -12.66
C ASN A 54 33.59 31.60 -13.43
N ARG A 55 34.55 32.29 -12.82
CA ARG A 55 35.26 33.40 -13.47
C ARG A 55 36.14 33.00 -14.65
N CYS A 56 36.82 31.86 -14.53
CA CYS A 56 37.70 31.38 -15.60
C CYS A 56 37.49 29.88 -15.91
N GLN A 57 36.84 29.64 -17.04
CA GLN A 57 36.60 28.28 -17.54
C GLN A 57 37.90 27.52 -17.88
N TYR A 58 38.88 28.23 -18.43
CA TYR A 58 40.19 27.63 -18.75
C TYR A 58 40.89 27.09 -17.49
N CYS A 59 40.94 27.94 -16.47
CA CYS A 59 41.62 27.60 -15.21
C CYS A 59 40.86 26.54 -14.40
N ARG A 60 39.53 26.55 -14.51
CA ARG A 60 38.68 25.54 -13.84
C ARG A 60 38.91 24.15 -14.47
N TYR A 61 38.95 24.13 -15.80
CA TYR A 61 39.20 22.90 -16.56
C TYR A 61 40.61 22.33 -16.33
N GLN A 62 41.59 23.22 -16.33
CA GLN A 62 42.98 22.84 -16.06
C GLN A 62 43.18 22.28 -14.64
N LYS A 63 42.39 22.82 -13.72
CA LYS A 63 42.43 22.39 -12.31
C LYS A 63 41.73 21.02 -12.13
N CYS A 64 40.71 20.75 -12.94
CA CYS A 64 40.07 19.42 -12.98
C CYS A 64 41.08 18.35 -13.43
N LEU A 65 41.86 18.73 -14.44
CA LEU A 65 42.95 17.91 -15.00
C LEU A 65 44.08 17.64 -14.00
N ALA A 66 44.52 18.71 -13.35
CA ALA A 66 45.61 18.65 -12.34
C ALA A 66 45.22 17.86 -11.10
N CYS A 67 43.94 17.89 -10.75
CA CYS A 67 43.39 17.15 -9.61
C CYS A 67 43.25 15.64 -9.87
N GLY A 68 43.17 15.30 -11.17
CA GLY A 68 43.19 13.89 -11.64
C GLY A 68 41.90 13.44 -12.36
N MET A 69 41.08 14.39 -12.82
CA MET A 69 39.89 14.05 -13.63
C MET A 69 40.33 13.49 -14.98
N LYS A 70 39.61 12.45 -15.39
CA LYS A 70 39.98 11.64 -16.56
C LYS A 70 38.92 11.86 -17.65
N ARG A 71 39.34 12.44 -18.78
CA ARG A 71 38.45 12.63 -19.95
C ARG A 71 37.80 11.33 -20.43
N GLU A 72 38.56 10.24 -20.29
CA GLU A 72 38.11 8.88 -20.65
C GLU A 72 36.94 8.34 -19.80
N ALA A 73 36.82 8.87 -18.57
CA ALA A 73 35.72 8.50 -17.66
C ALA A 73 34.36 9.08 -18.10
N VAL A 74 34.40 10.17 -18.88
CA VAL A 74 33.19 10.78 -19.48
C VAL A 74 32.72 9.91 -20.65
N GLN A 75 31.56 9.31 -20.45
CA GLN A 75 30.93 8.45 -21.45
C GLN A 75 30.27 9.26 -22.57
N GLU A 76 29.99 8.57 -23.67
CA GLU A 76 29.13 9.09 -24.75
C GLU A 76 27.77 9.50 -24.18
N GLU A 77 27.17 10.50 -24.80
CA GLU A 77 25.79 10.92 -24.48
C GLU A 77 24.82 9.74 -24.69
N ARG A 78 23.84 9.67 -23.80
CA ARG A 78 22.89 8.55 -23.73
C ARG A 78 21.47 8.95 -24.16
N ARG D 1 43.54 53.81 -5.42
CA ARG D 1 42.82 53.33 -4.22
C ARG D 1 41.73 52.32 -4.58
N GLN D 2 40.75 52.80 -5.35
CA GLN D 2 39.67 51.97 -5.89
C GLN D 2 40.21 51.06 -7.00
N GLN D 3 40.59 49.86 -6.59
CA GLN D 3 41.16 48.88 -7.53
C GLN D 3 40.08 48.09 -8.28
N GLU D 4 38.93 47.96 -7.61
CA GLU D 4 37.78 47.23 -8.14
C GLU D 4 36.51 47.83 -7.53
N GLU D 5 35.59 48.23 -8.40
CA GLU D 5 34.23 48.60 -7.96
C GLU D 5 33.51 47.34 -7.48
N LEU D 6 32.99 47.43 -6.25
CA LEU D 6 32.44 46.26 -5.55
C LEU D 6 30.91 46.29 -5.49
N CYS D 7 30.33 45.13 -5.78
CA CYS D 7 28.90 44.91 -5.57
C CYS D 7 28.66 44.95 -4.06
N LEU D 8 27.79 45.88 -3.66
CA LEU D 8 27.44 46.04 -2.24
C LEU D 8 26.75 44.82 -1.62
N VAL D 9 26.13 44.01 -2.46
CA VAL D 9 25.45 42.77 -2.04
C VAL D 9 26.43 41.62 -1.79
N CYS D 10 27.23 41.28 -2.80
CA CYS D 10 28.03 40.03 -2.77
C CYS D 10 29.55 40.20 -2.81
N GLY D 11 30.01 41.39 -3.23
CA GLY D 11 31.45 41.69 -3.31
C GLY D 11 32.08 41.36 -4.68
N ASP D 12 31.29 40.79 -5.59
CA ASP D 12 31.72 40.59 -6.98
C ASP D 12 31.97 41.99 -7.62
N ARG D 13 32.57 41.97 -8.82
CA ARG D 13 32.81 43.21 -9.57
C ARG D 13 31.46 43.83 -9.97
N ALA D 14 31.27 45.07 -9.50
CA ALA D 14 30.09 45.85 -9.86
C ALA D 14 30.21 46.35 -11.31
N SER D 15 29.07 46.36 -11.99
CA SER D 15 29.01 46.82 -13.40
C SER D 15 28.44 48.24 -13.54
N GLY D 16 27.88 48.75 -12.44
CA GLY D 16 27.29 50.08 -12.35
C GLY D 16 26.21 50.12 -11.27
N TYR D 17 25.47 51.23 -11.27
CA TYR D 17 24.35 51.44 -10.35
C TYR D 17 23.06 50.90 -10.97
N HIS D 18 22.45 49.97 -10.23
CA HIS D 18 21.23 49.29 -10.70
C HIS D 18 20.16 49.40 -9.63
N TYR D 19 19.10 50.12 -10.00
CA TYR D 19 17.96 50.39 -9.09
C TYR D 19 18.43 51.13 -7.82
N ASN D 20 19.40 52.02 -8.07
CA ASN D 20 20.03 52.94 -7.09
C ASN D 20 21.05 52.29 -6.13
N ALA D 21 21.73 51.24 -6.58
CA ALA D 21 22.80 50.61 -5.80
C ALA D 21 23.90 50.03 -6.68
N LEU D 22 25.13 50.25 -6.23
CA LEU D 22 26.34 49.72 -6.89
C LEU D 22 26.40 48.18 -6.75
N THR D 23 26.04 47.53 -7.86
CA THR D 23 25.85 46.06 -7.87
C THR D 23 26.38 45.42 -9.16
N CYS D 24 26.70 44.13 -9.03
CA CYS D 24 27.12 43.30 -10.18
C CYS D 24 25.88 42.96 -11.05
N GLU D 25 26.16 42.42 -12.23
CA GLU D 25 25.12 41.94 -13.16
C GLU D 25 24.25 40.82 -12.59
N GLY D 26 24.88 39.97 -11.77
CA GLY D 26 24.22 38.83 -11.09
C GLY D 26 23.11 39.30 -10.16
N CYS D 27 23.46 40.23 -9.28
CA CYS D 27 22.52 40.80 -8.29
C CYS D 27 21.46 41.72 -8.92
N LYS D 28 21.86 42.44 -9.96
CA LYS D 28 20.94 43.24 -10.81
C LYS D 28 19.80 42.37 -11.36
N GLY D 29 20.21 41.28 -12.01
CA GLY D 29 19.29 40.32 -12.67
C GLY D 29 18.43 39.57 -11.66
N PHE D 30 19.08 39.15 -10.57
CA PHE D 30 18.39 38.46 -9.45
C PHE D 30 17.32 39.37 -8.83
N PHE D 31 17.68 40.63 -8.62
CA PHE D 31 16.77 41.61 -8.01
C PHE D 31 15.57 41.91 -8.92
N ARG D 32 15.85 42.16 -10.19
CA ARG D 32 14.80 42.42 -11.19
C ARG D 32 13.84 41.24 -11.32
N ARG D 33 14.40 40.03 -11.43
CA ARG D 33 13.59 38.79 -11.50
C ARG D 33 12.74 38.54 -10.25
N SER D 34 13.36 38.78 -9.09
CA SER D 34 12.68 38.61 -7.79
C SER D 34 11.51 39.57 -7.62
N VAL D 35 11.70 40.80 -8.09
CA VAL D 35 10.69 41.87 -8.00
C VAL D 35 9.55 41.67 -9.00
N THR D 36 9.90 41.31 -10.24
CA THR D 36 8.89 41.15 -11.31
C THR D 36 7.96 39.97 -11.03
N LYS D 37 8.49 38.96 -10.35
CA LYS D 37 7.70 37.79 -9.94
C LYS D 37 7.03 37.96 -8.57
N ASN D 38 7.43 38.99 -7.82
CA ASN D 38 7.00 39.18 -6.42
C ASN D 38 7.34 37.93 -5.57
N ALA D 39 8.51 37.37 -5.85
CA ALA D 39 8.96 36.11 -5.22
C ALA D 39 9.12 36.28 -3.70
N VAL D 40 8.70 35.24 -3.00
CA VAL D 40 8.88 35.13 -1.54
C VAL D 40 9.78 33.90 -1.31
N TYR D 41 10.94 34.18 -0.74
CA TYR D 41 11.94 33.13 -0.48
C TYR D 41 11.96 32.73 1.00
N ILE D 42 12.43 31.51 1.23
CA ILE D 42 12.51 30.90 2.57
C ILE D 42 13.93 30.30 2.79
N CYS D 43 14.72 31.04 3.59
CA CYS D 43 16.08 30.58 3.94
C CYS D 43 16.00 29.24 4.66
N LYS D 44 16.76 28.28 4.15
CA LYS D 44 16.82 26.95 4.77
C LYS D 44 18.04 26.78 5.70
N PHE D 45 18.57 27.93 6.13
CA PHE D 45 19.68 27.99 7.08
C PHE D 45 19.19 28.67 8.37
N GLY D 46 19.88 29.72 8.81
CA GLY D 46 19.54 30.41 10.08
C GLY D 46 19.02 31.84 9.90
N HIS D 47 18.52 32.19 8.71
CA HIS D 47 17.95 33.52 8.40
C HIS D 47 18.96 34.67 8.60
N ALA D 48 20.22 34.40 8.29
CA ALA D 48 21.32 35.36 8.58
C ALA D 48 22.63 35.02 7.84
N CYS D 49 22.48 34.57 6.60
CA CYS D 49 23.63 34.23 5.74
C CYS D 49 24.38 35.50 5.31
N GLU D 50 25.69 35.49 5.49
CA GLU D 50 26.55 36.55 4.93
C GLU D 50 26.70 36.29 3.41
N MET D 51 26.40 37.33 2.64
CA MET D 51 26.46 37.25 1.17
C MET D 51 27.88 37.40 0.61
N ASP D 52 28.21 36.44 -0.23
CA ASP D 52 29.42 36.47 -1.08
C ASP D 52 29.09 35.78 -2.42
N MET D 53 30.11 35.54 -3.23
CA MET D 53 29.92 34.86 -4.53
C MET D 53 29.43 33.40 -4.44
N TYR D 54 29.69 32.74 -3.32
CA TYR D 54 29.21 31.37 -3.05
C TYR D 54 27.78 31.34 -2.50
N MET D 55 27.55 32.09 -1.42
CA MET D 55 26.24 32.15 -0.74
C MET D 55 25.12 32.81 -1.54
N ARG D 56 25.47 33.69 -2.48
CA ARG D 56 24.46 34.39 -3.30
C ARG D 56 23.61 33.42 -4.13
N ARG D 57 24.22 32.31 -4.55
CA ARG D 57 23.52 31.24 -5.29
C ARG D 57 22.78 30.27 -4.35
N LYS D 58 23.23 30.24 -3.10
CA LYS D 58 22.74 29.30 -2.07
C LYS D 58 21.49 29.76 -1.31
N CYS D 59 21.39 31.06 -1.05
CA CYS D 59 20.25 31.60 -0.28
C CYS D 59 19.65 32.85 -0.93
N GLN D 60 18.54 32.60 -1.62
CA GLN D 60 17.78 33.66 -2.31
C GLN D 60 17.12 34.66 -1.33
N GLU D 61 16.68 34.17 -0.17
CA GLU D 61 16.01 35.03 0.83
C GLU D 61 16.97 36.08 1.39
N CYS D 62 18.16 35.62 1.77
CA CYS D 62 19.19 36.52 2.35
C CYS D 62 19.81 37.45 1.30
N ARG D 63 19.91 36.96 0.07
CA ARG D 63 20.38 37.78 -1.06
C ARG D 63 19.42 38.93 -1.36
N LEU D 64 18.12 38.62 -1.35
CA LEU D 64 17.07 39.62 -1.58
C LEU D 64 17.00 40.66 -0.44
N LYS D 65 17.09 40.16 0.80
CA LYS D 65 17.19 41.03 1.98
C LYS D 65 18.38 41.99 1.90
N LYS D 66 19.51 41.47 1.41
CA LYS D 66 20.75 42.25 1.23
C LYS D 66 20.58 43.31 0.13
N CYS D 67 19.93 42.93 -0.96
CA CYS D 67 19.62 43.84 -2.08
C CYS D 67 18.82 45.06 -1.61
N LEU D 68 17.78 44.78 -0.80
CA LEU D 68 16.95 45.85 -0.20
C LEU D 68 17.70 46.72 0.80
N ALA D 69 18.46 46.05 1.67
CA ALA D 69 19.24 46.71 2.73
C ALA D 69 20.32 47.66 2.18
N VAL D 70 20.85 47.30 1.01
CA VAL D 70 21.86 48.07 0.28
C VAL D 70 21.29 49.31 -0.46
N GLY D 71 19.96 49.28 -0.66
CA GLY D 71 19.26 50.44 -1.24
C GLY D 71 18.66 50.20 -2.63
N MET D 72 18.64 48.94 -3.10
CA MET D 72 17.96 48.61 -4.36
C MET D 72 16.46 48.90 -4.21
N ARG D 73 15.97 49.69 -5.17
CA ARG D 73 14.60 50.23 -5.15
C ARG D 73 13.67 49.38 -6.04
N PRO D 74 12.82 48.56 -5.39
CA PRO D 74 11.87 47.66 -6.07
C PRO D 74 10.83 48.41 -6.92
N GLU D 75 10.45 49.61 -6.47
CA GLU D 75 9.51 50.47 -7.22
C GLU D 75 10.06 50.93 -8.58
N CYS D 76 11.38 50.87 -8.71
CA CYS D 76 12.08 51.25 -9.95
C CYS D 76 12.22 50.09 -10.97
N VAL D 77 11.71 48.92 -10.60
CA VAL D 77 11.72 47.75 -11.49
C VAL D 77 10.40 47.72 -12.27
N VAL D 78 10.50 48.01 -13.55
CA VAL D 78 9.35 48.06 -14.48
C VAL D 78 8.20 48.89 -13.83
N PRO D 79 8.46 50.18 -13.55
CA PRO D 79 7.41 51.08 -13.04
C PRO D 79 6.37 51.28 -14.15
N GLU D 80 5.27 51.94 -13.80
CA GLU D 80 4.19 52.21 -14.75
C GLU D 80 4.44 53.53 -15.51
N ASN D 81 5.47 53.48 -16.35
CA ASN D 81 5.79 54.59 -17.24
C ASN D 81 5.31 54.24 -18.66
N GLN D 82 5.55 55.18 -19.58
CA GLN D 82 5.12 55.03 -20.99
C GLN D 82 5.78 53.80 -21.65
N CYS D 83 7.05 53.59 -21.34
CA CYS D 83 7.84 52.43 -21.83
C CYS D 83 7.26 51.05 -21.45
N ALA D 84 6.57 50.98 -20.32
CA ALA D 84 5.97 49.72 -19.85
C ALA D 84 4.60 49.44 -20.48
N MET D 85 3.84 50.51 -20.69
CA MET D 85 2.55 50.48 -21.41
C MET D 85 2.77 49.98 -22.86
N LYS D 86 3.96 50.28 -23.37
CA LYS D 86 4.50 49.69 -24.62
C LYS D 86 4.43 48.15 -24.60
N ARG D 87 5.37 47.52 -23.90
CA ARG D 87 5.64 46.06 -24.00
C ARG D 87 4.39 45.18 -23.75
N VAL E 3 17.36 4.33 15.89
CA VAL E 3 16.30 3.53 15.20
C VAL E 3 16.89 2.75 14.03
N GLN E 4 16.21 1.66 13.64
CA GLN E 4 16.66 0.81 12.55
C GLN E 4 15.65 0.81 11.40
N GLU E 5 16.07 0.32 10.25
CA GLU E 5 15.20 0.29 9.08
C GLU E 5 14.31 -0.98 9.06
N LEU E 6 13.01 -0.76 8.92
CA LEU E 6 12.08 -1.87 8.84
C LEU E 6 12.48 -2.65 7.58
N SER E 7 13.08 -3.81 7.79
CA SER E 7 13.51 -4.64 6.68
C SER E 7 13.31 -6.11 7.01
N ILE E 8 13.35 -6.95 6.00
CA ILE E 8 13.22 -8.37 6.23
C ILE E 8 14.34 -8.75 7.22
N GLU E 9 15.50 -8.15 7.03
CA GLU E 9 16.65 -8.41 7.88
C GLU E 9 16.41 -8.23 9.37
N ARG E 10 15.95 -7.06 9.79
CA ARG E 10 15.71 -6.84 11.22
C ARG E 10 14.69 -7.83 11.72
N LEU E 11 13.60 -7.98 10.97
CA LEU E 11 12.53 -8.91 11.34
C LEU E 11 13.05 -10.31 11.70
N LEU E 12 13.67 -11.00 10.75
CA LEU E 12 14.21 -12.34 11.01
C LEU E 12 14.96 -12.40 12.33
N GLU E 13 15.41 -11.26 12.80
CA GLU E 13 16.16 -11.17 14.04
C GLU E 13 15.20 -10.95 15.18
N MET E 14 13.92 -10.98 14.87
CA MET E 14 12.89 -10.78 15.87
C MET E 14 12.08 -12.06 16.01
N GLU E 15 12.04 -12.84 14.94
CA GLU E 15 11.30 -14.07 14.96
C GLU E 15 11.95 -14.94 16.03
N SER E 16 13.26 -15.06 15.96
CA SER E 16 14.02 -15.86 16.92
C SER E 16 13.89 -15.32 18.34
N LEU E 17 13.63 -14.02 18.46
CA LEU E 17 13.51 -13.42 19.77
C LEU E 17 12.43 -14.13 20.61
N VAL E 18 12.81 -14.43 21.86
CA VAL E 18 11.93 -15.11 22.80
C VAL E 18 11.03 -14.15 23.58
N ALA E 19 9.77 -14.53 23.75
CA ALA E 19 8.82 -13.70 24.48
C ALA E 19 9.18 -13.73 25.94
N ASP E 20 8.65 -12.76 26.69
CA ASP E 20 8.90 -12.66 28.12
C ASP E 20 7.65 -13.04 28.92
N PRO E 21 7.38 -14.36 29.05
CA PRO E 21 6.20 -14.83 29.79
C PRO E 21 6.23 -14.37 31.25
N SER E 22 6.19 -13.05 31.41
CA SER E 22 6.20 -12.43 32.73
C SER E 22 4.78 -12.03 33.09
N GLU E 23 4.00 -11.62 32.09
CA GLU E 23 2.63 -11.20 32.34
C GLU E 23 1.56 -12.16 31.83
N GLU E 24 0.67 -12.54 32.76
CA GLU E 24 -0.43 -13.46 32.47
C GLU E 24 -1.66 -12.73 31.93
N PHE E 25 -1.82 -12.73 30.61
CA PHE E 25 -2.96 -12.07 29.98
C PHE E 25 -3.87 -13.03 29.25
N GLN E 26 -5.09 -13.15 29.76
CA GLN E 26 -6.09 -14.05 29.22
C GLN E 26 -6.99 -13.44 28.17
N PHE E 27 -6.57 -13.54 26.90
CA PHE E 27 -7.36 -13.04 25.80
C PHE E 27 -8.37 -14.14 25.57
N LEU E 28 -7.93 -15.37 25.78
CA LEU E 28 -8.71 -16.59 25.61
C LEU E 28 -8.88 -17.31 26.94
N ARG E 29 -10.09 -17.81 27.20
CA ARG E 29 -10.39 -18.50 28.45
C ARG E 29 -11.75 -19.17 28.41
N VAL E 30 -11.99 -20.13 29.32
CA VAL E 30 -13.30 -20.79 29.36
C VAL E 30 -14.16 -19.90 30.26
N GLY E 31 -15.06 -19.16 29.64
CA GLY E 31 -15.92 -18.28 30.40
C GLY E 31 -16.88 -19.08 31.24
N PRO E 32 -17.26 -18.59 32.43
CA PRO E 32 -18.19 -19.37 33.24
C PRO E 32 -19.46 -19.61 32.42
N ASP E 33 -19.79 -18.63 31.58
CA ASP E 33 -20.95 -18.68 30.71
C ASP E 33 -20.67 -19.48 29.44
N SER E 34 -19.72 -20.39 29.50
CA SER E 34 -19.39 -21.19 28.32
C SER E 34 -20.23 -22.44 28.30
N ASN E 35 -20.59 -22.88 27.10
CA ASN E 35 -21.37 -24.11 26.95
C ASN E 35 -20.51 -25.22 26.36
N VAL E 36 -19.28 -25.30 26.86
CA VAL E 36 -18.33 -26.30 26.43
C VAL E 36 -18.53 -27.45 27.39
N PRO E 37 -18.74 -28.68 26.89
CA PRO E 37 -18.93 -29.80 27.80
C PRO E 37 -17.96 -29.76 28.98
N PRO E 38 -18.35 -30.34 30.12
CA PRO E 38 -17.49 -30.36 31.32
C PRO E 38 -16.22 -31.22 31.25
N LYS E 39 -16.32 -32.38 30.58
CA LYS E 39 -15.17 -33.27 30.47
C LYS E 39 -14.07 -32.70 29.58
N PHE E 40 -14.32 -31.52 29.01
CA PHE E 40 -13.34 -30.89 28.14
C PHE E 40 -12.96 -29.47 28.52
N ARG E 41 -13.34 -29.06 29.73
CA ARG E 41 -12.99 -27.72 30.18
C ARG E 41 -11.51 -27.66 30.54
N ALA E 42 -10.98 -28.75 31.07
CA ALA E 42 -9.55 -28.78 31.44
C ALA E 42 -8.70 -28.59 30.21
N PRO E 43 -8.92 -29.43 29.18
CA PRO E 43 -8.13 -29.32 27.95
C PRO E 43 -8.38 -28.01 27.20
N VAL E 44 -9.65 -27.65 26.93
CA VAL E 44 -9.96 -26.41 26.23
C VAL E 44 -9.40 -25.21 26.99
N SER E 45 -9.37 -25.33 28.29
CA SER E 45 -8.83 -24.25 29.09
C SER E 45 -7.31 -24.26 28.85
N SER E 46 -6.69 -25.44 29.00
CA SER E 46 -5.26 -25.62 28.80
C SER E 46 -4.82 -25.06 27.44
N LEU E 47 -5.66 -25.27 26.43
CA LEU E 47 -5.38 -24.79 25.09
C LEU E 47 -5.37 -23.26 25.04
N CYS E 48 -6.39 -22.66 25.68
CA CYS E 48 -6.50 -21.22 25.72
C CYS E 48 -5.22 -20.61 26.26
N GLN E 49 -4.74 -21.22 27.35
CA GLN E 49 -3.53 -20.78 28.05
C GLN E 49 -2.33 -20.75 27.08
N ILE E 50 -2.21 -21.78 26.25
CA ILE E 50 -1.13 -21.80 25.24
C ILE E 50 -1.40 -20.59 24.34
N GLY E 51 -2.62 -20.56 23.80
CA GLY E 51 -3.02 -19.49 22.93
C GLY E 51 -2.55 -18.17 23.49
N ASN E 52 -2.87 -17.93 24.75
CA ASN E 52 -2.50 -16.70 25.39
C ASN E 52 -1.02 -16.36 25.36
N LYS E 53 -0.16 -17.30 25.71
CA LYS E 53 1.26 -16.98 25.67
C LYS E 53 1.57 -16.37 24.32
N GLN E 54 1.37 -17.16 23.27
CA GLN E 54 1.59 -16.73 21.90
C GLN E 54 1.11 -15.31 21.57
N ILE E 55 -0.12 -14.98 21.99
CA ILE E 55 -0.65 -13.65 21.75
C ILE E 55 0.28 -12.61 22.37
N ALA E 56 0.51 -12.73 23.67
CA ALA E 56 1.40 -11.79 24.34
C ALA E 56 2.76 -11.87 23.61
N ALA E 57 3.13 -13.07 23.16
CA ALA E 57 4.39 -13.23 22.44
C ALA E 57 4.43 -12.43 21.12
N LEU E 58 3.29 -12.23 20.46
CA LEU E 58 3.26 -11.44 19.23
C LEU E 58 2.99 -9.96 19.57
N VAL E 59 2.41 -9.75 20.75
CA VAL E 59 2.09 -8.41 21.23
C VAL E 59 3.40 -7.70 21.55
N VAL E 60 4.41 -8.48 21.86
CA VAL E 60 5.72 -7.93 22.19
C VAL E 60 6.63 -8.01 20.99
N TRP E 61 6.17 -8.64 19.92
CA TRP E 61 6.97 -8.73 18.69
C TRP E 61 6.48 -7.59 17.83
N ALA E 62 5.16 -7.43 17.82
CA ALA E 62 4.57 -6.35 17.06
C ALA E 62 5.26 -5.06 17.48
N ARG E 63 5.26 -4.81 18.79
CA ARG E 63 5.84 -3.60 19.35
C ARG E 63 7.32 -3.41 19.09
N ASP E 64 8.07 -4.47 18.87
CA ASP E 64 9.48 -4.30 18.61
C ASP E 64 9.76 -4.22 17.11
N ILE E 65 8.76 -3.78 16.37
CA ILE E 65 8.88 -3.63 14.93
C ILE E 65 9.21 -2.19 14.58
N PRO E 66 10.22 -2.01 13.71
CA PRO E 66 11.14 -16.98 -11.85
C PRO E 66 9.70 0.30 12.91
N HIS E 67 9.54 1.23 13.84
CA HIS E 67 8.58 2.33 13.73
C HIS E 67 7.23 2.06 14.37
N PHE E 68 6.88 0.79 14.50
CA PHE E 68 5.59 0.44 15.10
C PHE E 68 5.36 1.22 16.42
N SER E 69 6.33 1.16 17.33
CA SER E 69 6.24 1.83 18.61
C SER E 69 6.07 3.34 18.47
N GLN E 70 6.35 3.88 17.29
CA GLN E 70 6.23 5.33 17.08
C GLN E 70 4.79 5.76 16.86
N LEU E 71 4.08 5.03 16.02
CA LEU E 71 2.67 5.29 15.71
C LEU E 71 1.92 5.57 17.01
N GLU E 72 0.79 6.25 16.96
CA GLU E 72 0.05 6.53 18.19
C GLU E 72 -0.51 5.27 18.79
N MET E 73 -0.24 5.04 20.06
CA MET E 73 -0.70 3.84 20.75
C MET E 73 -2.14 3.44 20.47
N GLU E 74 -3.12 4.32 20.69
CA GLU E 74 -4.52 3.96 20.40
C GLU E 74 -4.52 3.10 19.13
N ASP E 75 -3.87 3.60 18.07
CA ASP E 75 -3.76 2.90 16.79
C ASP E 75 -3.06 1.58 17.04
N GLN E 76 -1.87 1.67 17.60
CA GLN E 76 -1.05 0.49 17.93
C GLN E 76 -1.91 -0.64 18.48
N ILE E 77 -2.78 -0.30 19.43
CA ILE E 77 -3.67 -1.29 20.03
C ILE E 77 -4.52 -1.89 18.91
N LEU E 78 -5.28 -1.02 18.26
CA LEU E 78 -6.16 -1.41 17.17
C LEU E 78 -5.51 -2.26 16.08
N LEU E 79 -4.26 -2.01 15.76
CA LEU E 79 -3.59 -2.77 14.72
C LEU E 79 -3.37 -4.19 15.17
N ILE E 80 -2.97 -4.33 16.43
CA ILE E 80 -2.73 -5.64 17.02
C ILE E 80 -4.07 -6.33 17.26
N LYS E 81 -4.93 -5.65 18.02
CA LYS E 81 -6.25 -6.14 18.32
C LYS E 81 -6.87 -6.67 17.02
N GLY E 82 -6.51 -6.08 15.89
CA GLY E 82 -7.09 -6.50 14.63
C GLY E 82 -6.39 -7.60 13.87
N SER E 83 -5.20 -8.00 14.29
CA SER E 83 -4.47 -9.04 13.57
C SER E 83 -4.01 -10.30 14.34
N TRP E 84 -4.07 -10.30 15.68
CA TRP E 84 -3.62 -11.47 16.45
C TRP E 84 -4.15 -12.84 16.04
N ASN E 85 -5.45 -12.94 15.79
CA ASN E 85 -6.05 -14.20 15.39
C ASN E 85 -5.32 -14.62 14.13
N GLU E 86 -5.32 -13.73 13.14
CA GLU E 86 -4.68 -13.97 11.86
C GLU E 86 -3.21 -14.34 12.08
N LEU E 87 -2.53 -13.56 12.89
CA LEU E 87 -1.15 -13.85 13.16
C LEU E 87 -1.03 -15.24 13.83
N LEU E 88 -1.82 -15.42 14.88
CA LEU E 88 -1.87 -16.67 15.65
C LEU E 88 -2.01 -17.88 14.73
N LEU E 89 -2.99 -17.83 13.84
CA LEU E 89 -3.29 -18.89 12.89
C LEU E 89 -2.21 -19.12 11.84
N PHE E 90 -1.58 -18.02 11.42
CA PHE E 90 -0.53 -18.06 10.39
C PHE E 90 0.69 -18.78 10.92
N ALA E 91 0.97 -18.53 12.20
CA ALA E 91 2.12 -19.16 12.84
C ALA E 91 1.86 -20.65 12.91
N ILE E 92 0.60 -21.01 13.20
CA ILE E 92 0.24 -22.41 13.29
C ILE E 92 0.46 -23.05 11.93
N ALA E 93 -0.04 -22.41 10.88
CA ALA E 93 0.12 -22.99 9.57
C ALA E 93 1.59 -23.18 9.25
N TRP E 94 2.43 -22.24 9.68
CA TRP E 94 3.86 -22.35 9.41
C TRP E 94 4.38 -23.60 10.07
N ARG E 95 4.30 -23.63 11.38
CA ARG E 95 4.75 -24.79 12.14
C ARG E 95 4.21 -26.10 11.56
N SER E 96 2.91 -26.13 11.26
CA SER E 96 2.27 -27.32 10.75
C SER E 96 2.89 -27.88 9.46
N MET E 97 3.61 -27.02 8.75
CA MET E 97 4.24 -27.40 7.48
C MET E 97 5.08 -28.68 7.59
N GLU E 98 5.81 -28.76 8.69
CA GLU E 98 6.63 -29.92 8.99
C GLU E 98 5.78 -31.20 8.95
N PHE E 99 4.92 -31.38 9.95
CA PHE E 99 4.07 -32.54 10.04
C PHE E 99 3.23 -32.81 8.81
N LEU E 100 3.48 -32.07 7.74
CA LEU E 100 2.73 -32.29 6.50
C LEU E 100 3.17 -33.60 5.89
N THR E 101 2.19 -34.39 5.47
CA THR E 101 2.44 -35.71 4.89
C THR E 101 2.78 -35.69 3.39
N GLU E 102 2.62 -34.52 2.76
CA GLU E 102 2.85 -34.29 1.32
C GLU E 102 3.86 -35.18 0.59
N ARG E 113 -6.04 -41.42 -5.51
CA ARG E 113 -5.46 -42.77 -5.27
C ARG E 113 -4.02 -42.66 -4.76
N THR E 114 -3.73 -41.60 -4.01
CA THR E 114 -2.38 -41.40 -3.45
C THR E 114 -2.36 -40.58 -2.15
N THR E 115 -3.13 -39.49 -2.11
CA THR E 115 -3.15 -38.60 -0.93
C THR E 115 -4.47 -38.54 -0.12
N SER E 116 -4.32 -38.33 1.18
CA SER E 116 -5.43 -38.23 2.14
C SER E 116 -5.26 -36.89 2.90
N PRO E 117 -6.29 -36.44 3.63
CA PRO E 117 -6.19 -35.18 4.39
C PRO E 117 -5.20 -35.24 5.55
N PRO E 118 -4.40 -34.17 5.74
CA PRO E 118 -3.41 -34.11 6.83
C PRO E 118 -4.07 -34.35 8.19
N GLN E 119 -3.32 -34.95 9.12
CA GLN E 119 -3.88 -35.26 10.42
C GLN E 119 -3.30 -34.50 11.61
N LEU E 120 -2.21 -33.77 11.40
CA LEU E 120 -1.59 -33.03 12.49
C LEU E 120 -1.54 -31.54 12.29
N MET E 121 -1.76 -30.82 13.37
CA MET E 121 -1.70 -29.38 13.36
C MET E 121 -0.80 -29.00 14.52
N CYS E 122 0.38 -28.46 14.22
CA CYS E 122 1.29 -28.09 15.29
C CYS E 122 0.94 -26.76 15.94
N LEU E 123 0.52 -26.80 17.21
CA LEU E 123 0.18 -25.59 17.95
C LEU E 123 1.39 -24.87 18.52
N MET E 124 2.33 -25.64 19.03
CA MET E 124 3.55 -25.07 19.58
C MET E 124 4.63 -26.11 19.50
N PRO E 125 5.88 -25.67 19.58
CA PRO E 125 6.93 -26.69 19.51
C PRO E 125 6.55 -27.91 20.33
N GLY E 126 6.73 -29.10 19.74
CA GLY E 126 6.41 -30.33 20.45
C GLY E 126 4.96 -30.74 20.32
N MET E 127 4.12 -30.08 21.11
CA MET E 127 2.67 -30.30 21.14
C MET E 127 1.95 -30.08 19.78
N THR E 128 1.00 -30.97 19.47
CA THR E 128 0.25 -30.90 18.21
C THR E 128 -1.24 -31.25 18.44
N LEU E 129 -2.06 -30.96 17.43
CA LEU E 129 -3.48 -31.25 17.49
C LEU E 129 -3.84 -32.24 16.39
N HIS E 130 -4.50 -33.34 16.76
CA HIS E 130 -4.86 -34.35 15.80
C HIS E 130 -6.20 -34.07 15.16
N ARG E 131 -6.29 -34.36 13.88
CA ARG E 131 -7.51 -34.10 13.14
C ARG E 131 -8.81 -34.58 13.80
N ASN E 132 -8.86 -35.87 14.14
CA ASN E 132 -10.06 -36.43 14.75
C ASN E 132 -10.53 -35.65 15.97
N SER E 133 -9.61 -34.97 16.65
CA SER E 133 -10.02 -34.19 17.82
C SER E 133 -10.79 -32.98 17.35
N ALA E 134 -10.27 -32.27 16.36
CA ALA E 134 -10.97 -31.10 15.86
C ALA E 134 -12.32 -31.61 15.38
N LEU E 135 -12.32 -32.83 14.83
CA LEU E 135 -13.54 -33.48 14.35
C LEU E 135 -14.52 -33.67 15.51
N GLN E 136 -13.99 -33.97 16.69
CA GLN E 136 -14.85 -34.12 17.85
C GLN E 136 -15.32 -32.74 18.29
N ALA E 137 -14.53 -31.70 18.01
CA ALA E 137 -14.92 -30.34 18.41
C ALA E 137 -15.77 -29.62 17.37
N GLY E 138 -16.08 -30.31 16.28
CA GLY E 138 -16.86 -29.69 15.23
C GLY E 138 -16.14 -28.50 14.61
N VAL E 139 -14.84 -28.63 14.40
CA VAL E 139 -14.07 -27.56 13.79
C VAL E 139 -13.14 -28.25 12.79
N GLY E 140 -13.64 -29.34 12.22
CA GLY E 140 -12.87 -30.12 11.27
C GLY E 140 -12.64 -29.47 9.92
N GLN E 141 -13.59 -28.67 9.47
CA GLN E 141 -13.46 -27.99 8.19
C GLN E 141 -12.40 -26.89 8.34
N ILE E 142 -12.60 -26.01 9.31
CA ILE E 142 -11.66 -24.94 9.57
C ILE E 142 -10.26 -25.51 9.81
N PHE E 143 -10.20 -26.63 10.51
CA PHE E 143 -8.93 -27.30 10.75
C PHE E 143 -8.39 -27.62 9.37
N ASP E 144 -9.24 -28.24 8.54
CA ASP E 144 -8.85 -28.61 7.21
C ASP E 144 -8.46 -27.46 6.32
N ARG E 145 -9.14 -26.34 6.48
CA ARG E 145 -8.80 -25.18 5.68
C ARG E 145 -7.41 -24.66 6.07
N VAL E 146 -7.13 -24.63 7.37
CA VAL E 146 -5.83 -24.16 7.83
C VAL E 146 -4.69 -24.98 7.24
N LEU E 147 -4.83 -26.31 7.22
CA LEU E 147 -3.74 -27.12 6.70
C LEU E 147 -3.65 -27.23 5.20
N SER E 148 -4.75 -26.93 4.50
CA SER E 148 -4.73 -27.02 3.04
C SER E 148 -4.43 -25.68 2.40
N GLU E 149 -5.33 -24.72 2.58
CA GLU E 149 -5.15 -23.38 2.03
C GLU E 149 -3.91 -22.69 2.54
N LEU E 150 -3.48 -23.00 3.75
CA LEU E 150 -2.30 -22.34 4.30
C LEU E 150 -1.02 -23.15 4.37
N SER E 151 -0.98 -24.16 5.23
CA SER E 151 0.24 -24.95 5.39
C SER E 151 0.66 -25.66 4.12
N LEU E 152 -0.24 -26.47 3.59
CA LEU E 152 0.08 -27.22 2.40
C LEU E 152 0.43 -26.29 1.25
N LYS E 153 -0.52 -25.41 0.88
CA LYS E 153 -0.34 -24.49 -0.22
C LYS E 153 0.94 -23.67 -0.07
N MET E 154 1.43 -23.52 1.15
CA MET E 154 2.67 -22.78 1.37
C MET E 154 3.80 -23.72 0.99
N ARG E 155 3.82 -24.90 1.60
CA ARG E 155 4.83 -25.90 1.31
C ARG E 155 5.02 -25.87 -0.21
N THR E 156 3.93 -26.07 -0.94
CA THR E 156 3.98 -26.04 -2.39
C THR E 156 4.72 -24.82 -2.86
N LEU E 157 4.30 -23.64 -2.40
CA LEU E 157 4.94 -22.38 -2.77
C LEU E 157 6.40 -22.31 -2.30
N ARG E 158 6.79 -23.25 -1.43
CA ARG E 158 8.15 -23.29 -0.91
C ARG E 158 8.46 -21.95 -0.26
N VAL E 159 7.49 -21.31 0.37
CA VAL E 159 7.77 -20.01 0.97
C VAL E 159 8.86 -20.19 2.02
N ASP E 160 9.74 -19.22 2.16
CA ASP E 160 10.80 -19.35 3.15
C ASP E 160 10.66 -18.34 4.26
N GLN E 161 11.49 -18.47 5.27
CA GLN E 161 11.43 -17.58 6.41
C GLN E 161 11.42 -16.08 6.10
N ALA E 162 12.11 -15.69 5.04
CA ALA E 162 12.16 -14.28 4.68
C ALA E 162 10.79 -13.82 4.20
N GLU E 163 10.15 -14.64 3.36
CA GLU E 163 8.84 -14.35 2.83
C GLU E 163 7.82 -14.41 3.97
N TYR E 164 7.93 -15.47 4.77
CA TYR E 164 7.05 -15.68 5.92
C TYR E 164 7.04 -14.52 6.92
N VAL E 165 8.19 -14.01 7.35
CA VAL E 165 8.11 -12.94 8.33
C VAL E 165 7.71 -11.63 7.68
N ALA E 166 7.88 -11.58 6.36
CA ALA E 166 7.50 -10.39 5.64
C ALA E 166 5.96 -10.36 5.74
N LEU E 167 5.34 -11.39 5.17
CA LEU E 167 3.88 -11.49 5.19
C LEU E 167 3.39 -11.07 6.55
N LYS E 168 3.98 -11.66 7.60
CA LYS E 168 3.59 -11.36 8.97
C LYS E 168 3.43 -9.86 9.18
N ALA E 169 4.56 -9.14 9.06
CA ALA E 169 4.60 -7.67 9.23
C ALA E 169 3.49 -7.02 8.39
N ILE E 170 3.34 -7.51 7.18
CA ILE E 170 2.30 -7.01 6.31
C ILE E 170 0.93 -7.20 6.97
N ILE E 171 0.67 -8.43 7.47
CA ILE E 171 -0.60 -8.76 8.10
C ILE E 171 -0.90 -7.77 9.23
N LEU E 172 0.04 -7.63 10.15
CA LEU E 172 -0.11 -6.68 11.24
C LEU E 172 -0.25 -5.24 10.74
N LEU E 173 0.63 -4.86 9.81
CA LEU E 173 0.65 -3.48 9.29
C LEU E 173 -0.41 -3.19 8.28
N ASN E 174 -1.66 -3.20 8.75
CA ASN E 174 -2.83 -2.96 7.91
C ASN E 174 -3.47 -1.59 8.20
N PRO E 175 -3.55 -0.74 7.17
CA PRO E 175 -4.12 0.61 7.19
C PRO E 175 -5.64 0.59 7.13
N ASP E 176 -6.21 -0.47 6.59
CA ASP E 176 -7.66 -0.56 6.47
C ASP E 176 -8.39 -0.81 7.80
N VAL E 177 -7.67 -1.20 8.84
CA VAL E 177 -8.26 -1.38 10.13
C VAL E 177 -9.07 -0.12 10.53
N LYS E 178 -10.36 -0.28 10.79
CA LYS E 178 -11.20 0.86 11.15
C LYS E 178 -10.78 1.62 12.42
N GLY E 179 -10.92 2.94 12.40
CA GLY E 179 -10.58 3.77 13.55
C GLY E 179 -9.15 4.29 13.68
N LEU E 180 -8.31 4.06 12.68
CA LEU E 180 -6.93 4.53 12.77
C LEU E 180 -6.79 6.05 12.79
N LYS E 181 -6.39 6.58 13.94
CA LYS E 181 -6.18 8.02 14.13
C LYS E 181 -5.46 8.61 12.90
N ASN E 182 -4.50 7.87 12.33
CA ASN E 182 -3.76 8.33 11.16
C ASN E 182 -3.35 7.22 10.20
N ARG E 183 -4.32 6.80 9.39
CA ARG E 183 -4.15 5.74 8.41
C ARG E 183 -2.85 5.77 7.60
N GLN E 184 -2.50 6.92 7.06
CA GLN E 184 -1.31 7.00 6.25
C GLN E 184 -0.03 6.73 7.00
N GLU E 185 -0.03 6.97 8.31
CA GLU E 185 1.17 6.68 9.07
C GLU E 185 1.45 5.17 9.04
N VAL E 186 0.41 4.39 8.76
CA VAL E 186 0.55 2.94 8.67
C VAL E 186 0.84 2.56 7.22
N GLU E 187 0.15 3.22 6.27
CA GLU E 187 0.34 2.97 4.84
C GLU E 187 1.83 3.01 4.45
N VAL E 188 2.59 3.88 5.10
CA VAL E 188 4.02 4.01 4.79
C VAL E 188 4.71 2.72 5.20
N LEU E 189 4.52 2.33 6.46
CA LEU E 189 5.10 1.11 7.00
C LEU E 189 4.72 -0.12 6.16
N ARG E 190 3.50 -0.13 5.63
CA ARG E 190 3.09 -1.24 4.79
C ARG E 190 3.81 -1.17 3.45
N GLU E 191 3.68 -0.03 2.79
CA GLU E 191 4.31 0.16 1.49
C GLU E 191 5.80 -0.18 1.50
N LYS E 192 6.48 0.14 2.58
CA LYS E 192 7.90 -0.21 2.67
C LYS E 192 8.01 -1.74 2.53
N MET E 193 7.20 -2.44 3.31
CA MET E 193 7.19 -3.89 3.28
C MET E 193 6.86 -4.44 1.91
N PHE E 194 5.95 -3.80 1.18
CA PHE E 194 5.58 -4.29 -0.16
C PHE E 194 6.80 -4.33 -1.08
N LEU E 195 7.69 -3.36 -0.84
CA LEU E 195 8.93 -3.23 -1.59
C LEU E 195 9.90 -4.33 -1.19
N CYS E 196 10.37 -4.26 0.05
CA CYS E 196 11.31 -5.24 0.57
C CYS E 196 10.99 -6.64 0.06
N LEU E 197 9.71 -6.99 0.06
CA LEU E 197 9.26 -8.31 -0.39
C LEU E 197 9.44 -8.58 -1.87
N ASP E 198 9.04 -7.61 -2.69
CA ASP E 198 9.11 -7.67 -4.15
C ASP E 198 10.52 -7.88 -4.64
N GLU E 199 11.48 -7.21 -4.03
CA GLU E 199 12.86 -7.37 -4.45
C GLU E 199 13.31 -8.75 -4.02
N TYR E 200 13.01 -9.13 -2.79
CA TYR E 200 13.41 -10.43 -2.28
C TYR E 200 13.00 -11.51 -3.23
N CYS E 201 11.83 -11.37 -3.81
CA CYS E 201 11.39 -12.36 -4.77
C CYS E 201 12.29 -12.20 -5.98
N ARG E 202 12.50 -10.95 -6.39
CA ARG E 202 13.35 -10.63 -7.53
C ARG E 202 14.71 -11.27 -7.30
N ARG E 203 15.44 -10.75 -6.31
CA ARG E 203 16.75 -11.28 -5.99
C ARG E 203 16.81 -12.80 -5.86
N SER E 204 16.16 -13.32 -4.82
CA SER E 204 16.19 -14.75 -4.49
C SER E 204 15.41 -15.81 -5.27
N ARG E 205 14.54 -15.43 -6.20
CA ARG E 205 13.78 -16.42 -6.99
C ARG E 205 13.25 -15.82 -8.29
N SER E 206 14.00 -14.88 -8.89
CA SER E 206 13.60 -14.19 -10.12
C SER E 206 13.01 -15.05 -11.23
N SER E 207 13.14 -16.36 -11.11
CA SER E 207 12.58 -17.26 -12.11
C SER E 207 11.08 -17.49 -11.86
N GLU E 208 10.57 -16.92 -10.78
CA GLU E 208 9.15 -17.06 -10.39
C GLU E 208 8.16 -16.05 -10.96
N GLU E 209 7.39 -16.50 -11.96
CA GLU E 209 6.39 -15.66 -12.61
C GLU E 209 5.18 -15.54 -11.66
N GLY E 210 5.11 -14.43 -10.92
CA GLY E 210 3.97 -14.23 -10.03
C GLY E 210 4.05 -14.74 -8.60
N ARG E 211 5.26 -14.81 -8.04
CA ARG E 211 5.41 -15.27 -6.67
C ARG E 211 4.87 -14.20 -5.72
N PHE E 212 5.27 -12.97 -5.97
CA PHE E 212 4.85 -11.83 -5.17
C PHE E 212 3.34 -11.85 -4.94
N ALA E 213 2.60 -12.26 -5.97
CA ALA E 213 1.15 -12.33 -5.89
C ALA E 213 0.67 -13.57 -5.18
N ALA E 214 1.33 -14.70 -5.43
CA ALA E 214 0.95 -15.96 -4.81
C ALA E 214 1.16 -15.89 -3.30
N LEU E 215 2.15 -15.11 -2.86
CA LEU E 215 2.38 -14.98 -1.43
C LEU E 215 1.29 -14.06 -0.85
N LEU E 216 1.04 -12.95 -1.53
CA LEU E 216 0.03 -12.01 -1.06
C LEU E 216 -1.39 -12.53 -1.22
N LEU E 217 -1.55 -13.65 -1.92
CA LEU E 217 -2.86 -14.22 -2.16
C LEU E 217 -3.22 -15.21 -1.05
N ARG E 218 -2.37 -15.29 -0.04
CA ARG E 218 -2.60 -16.16 1.12
C ARG E 218 -3.34 -15.32 2.13
N LEU E 219 -3.07 -14.02 2.07
CA LEU E 219 -3.69 -13.08 2.97
C LEU E 219 -5.20 -13.15 3.02
N PRO E 220 -5.86 -13.42 1.89
CA PRO E 220 -7.33 -13.49 1.97
C PRO E 220 -7.71 -14.84 2.56
N ALA E 221 -7.16 -15.90 1.98
CA ALA E 221 -7.41 -17.26 2.48
C ALA E 221 -7.24 -17.27 4.01
N LEU E 222 -6.29 -16.48 4.50
CA LEU E 222 -6.06 -16.38 5.93
C LEU E 222 -7.14 -15.59 6.65
N ARG E 223 -7.56 -14.47 6.06
CA ARG E 223 -8.58 -13.62 6.67
C ARG E 223 -9.87 -14.38 6.87
N SER E 224 -10.24 -15.17 5.86
CA SER E 224 -11.46 -15.95 5.93
C SER E 224 -11.42 -16.97 7.05
N ILE E 225 -10.33 -17.71 7.14
CA ILE E 225 -10.17 -18.72 8.16
C ILE E 225 -10.23 -18.03 9.49
N SER E 226 -9.50 -16.95 9.67
CA SER E 226 -9.55 -16.28 10.96
C SER E 226 -10.98 -15.83 11.25
N LEU E 227 -11.65 -15.29 10.25
CA LEU E 227 -13.01 -14.81 10.44
C LEU E 227 -13.91 -15.93 10.93
N LYS E 228 -13.67 -17.13 10.42
CA LYS E 228 -14.46 -18.27 10.82
C LYS E 228 -14.10 -18.71 12.21
N SER E 229 -12.81 -18.72 12.52
CA SER E 229 -12.40 -19.16 13.84
C SER E 229 -12.92 -18.23 14.94
N PHE E 230 -13.39 -17.05 14.58
CA PHE E 230 -13.96 -16.17 15.59
C PHE E 230 -15.38 -16.62 15.92
N GLU E 231 -16.13 -17.00 14.89
CA GLU E 231 -17.48 -17.50 15.11
C GLU E 231 -17.38 -18.58 16.16
N HIS E 232 -16.63 -19.65 15.86
CA HIS E 232 -16.45 -20.74 16.79
C HIS E 232 -16.00 -20.31 18.16
N LEU E 233 -15.01 -19.43 18.22
CA LEU E 233 -14.56 -18.98 19.51
C LEU E 233 -15.70 -18.32 20.25
N PHE E 234 -16.48 -17.51 19.54
CA PHE E 234 -17.61 -16.81 20.18
C PHE E 234 -18.77 -17.68 20.59
N PHE E 235 -19.09 -18.68 19.78
CA PHE E 235 -20.16 -19.59 20.10
C PHE E 235 -19.87 -20.23 21.46
N PHE E 236 -18.59 -20.26 21.83
CA PHE E 236 -18.15 -20.84 23.08
C PHE E 236 -17.65 -19.86 24.12
N HIS E 237 -17.99 -18.60 23.96
CA HIS E 237 -17.61 -17.60 24.95
C HIS E 237 -16.14 -17.60 25.34
N LEU E 238 -15.33 -18.17 24.46
CA LEU E 238 -13.89 -18.32 24.66
C LEU E 238 -13.06 -17.04 24.61
N VAL E 239 -13.51 -16.05 23.87
CA VAL E 239 -12.77 -14.82 23.75
C VAL E 239 -13.10 -13.79 24.84
N ALA E 240 -12.07 -13.13 25.34
CA ALA E 240 -12.22 -12.09 26.36
C ALA E 240 -12.56 -10.80 25.63
N ASP E 241 -13.48 -10.93 24.67
CA ASP E 241 -13.94 -9.83 23.82
C ASP E 241 -13.69 -8.42 24.32
N THR E 242 -14.53 -7.98 25.22
CA THR E 242 -14.43 -6.63 25.77
C THR E 242 -13.14 -6.28 26.54
N SER E 243 -12.39 -7.28 26.96
CA SER E 243 -11.19 -6.97 27.72
C SER E 243 -9.85 -7.04 26.99
N ILE E 244 -9.87 -7.32 25.69
CA ILE E 244 -8.61 -7.44 24.98
C ILE E 244 -7.85 -6.15 24.73
N ALA E 245 -8.53 -5.10 24.31
CA ALA E 245 -7.84 -3.82 24.08
C ALA E 245 -6.95 -3.54 25.28
N GLY E 246 -7.56 -3.59 26.46
CA GLY E 246 -6.88 -3.36 27.73
C GLY E 246 -5.57 -4.12 27.88
N TYR E 247 -5.61 -5.44 27.79
CA TYR E 247 -4.40 -6.25 27.93
C TYR E 247 -3.42 -5.75 26.89
N ILE E 248 -3.93 -5.56 25.67
CA ILE E 248 -3.11 -5.06 24.57
C ILE E 248 -2.53 -3.74 25.07
N ARG E 249 -3.42 -2.83 25.46
CA ARG E 249 -3.00 -1.55 25.99
C ARG E 249 -1.98 -1.83 27.09
N ASP E 250 -2.48 -2.27 28.23
CA ASP E 250 -1.70 -2.62 29.42
C ASP E 250 -0.31 -3.17 29.07
N ALA E 251 -0.29 -4.25 28.29
CA ALA E 251 0.94 -4.90 27.88
C ALA E 251 1.86 -4.02 27.05
N LEU E 252 1.29 -3.09 26.29
CA LEU E 252 2.10 -2.23 25.45
C LEU E 252 2.89 -1.16 26.20
N ARG E 253 3.00 -1.33 27.51
CA ARG E 253 3.75 -0.41 28.35
C ARG E 253 4.92 -1.11 29.07
N VAL F 21 10.45 -4.23 -18.77
CA VAL F 21 9.63 -3.05 -19.19
C VAL F 21 8.79 -3.33 -20.44
N PRO F 22 8.24 -4.56 -20.56
CA PRO F 22 7.42 -4.96 -21.71
C PRO F 22 5.98 -4.44 -21.77
N PRO F 23 5.31 -4.61 -22.92
CA PRO F 23 3.92 -4.17 -23.16
C PRO F 23 3.02 -5.37 -22.88
N LEU F 24 2.03 -5.59 -23.75
CA LEU F 24 1.14 -6.71 -23.56
C LEU F 24 0.83 -7.40 -24.86
N THR F 25 0.56 -8.71 -24.81
CA THR F 25 0.24 -9.47 -26.01
C THR F 25 -1.05 -8.91 -26.65
N ALA F 26 -1.60 -9.65 -27.61
CA ALA F 26 -2.83 -9.19 -28.23
C ALA F 26 -3.97 -9.69 -27.34
N ASN F 27 -3.85 -10.96 -26.91
CA ASN F 27 -4.84 -11.56 -26.04
C ASN F 27 -5.11 -10.54 -24.94
N GLN F 28 -4.07 -10.33 -24.12
CA GLN F 28 -4.16 -9.40 -23.00
C GLN F 28 -4.97 -8.16 -23.30
N LYS F 29 -4.53 -7.39 -24.28
CA LYS F 29 -5.25 -6.17 -24.60
C LYS F 29 -6.67 -6.47 -25.08
N SER F 30 -6.84 -7.61 -25.73
CA SER F 30 -8.18 -7.96 -26.23
C SER F 30 -9.09 -8.22 -25.03
N LEU F 31 -8.49 -8.81 -24.00
CA LEU F 31 -9.17 -9.13 -22.74
C LEU F 31 -9.43 -7.82 -22.01
N ILE F 32 -8.37 -7.06 -21.70
CA ILE F 32 -8.54 -5.79 -21.01
C ILE F 32 -9.63 -5.01 -21.72
N ALA F 33 -9.48 -4.85 -23.02
CA ALA F 33 -10.47 -4.16 -23.82
C ALA F 33 -11.80 -4.80 -23.48
N ARG F 34 -11.89 -6.08 -23.80
CA ARG F 34 -13.10 -6.85 -23.54
C ARG F 34 -13.69 -6.64 -22.15
N LEU F 35 -12.86 -6.76 -21.11
CA LEU F 35 -13.32 -6.59 -19.74
C LEU F 35 -13.84 -5.19 -19.45
N VAL F 36 -13.12 -4.16 -19.91
CA VAL F 36 -13.56 -2.78 -19.72
C VAL F 36 -14.93 -2.58 -20.38
N TRP F 37 -15.19 -3.30 -21.46
CA TRP F 37 -16.44 -3.23 -22.18
C TRP F 37 -17.58 -3.88 -21.40
N TYR F 38 -17.40 -5.15 -21.03
CA TYR F 38 -18.44 -5.84 -20.26
C TYR F 38 -18.76 -5.10 -18.97
N GLN F 39 -17.72 -4.52 -18.34
CA GLN F 39 -17.91 -3.81 -17.08
C GLN F 39 -18.93 -2.70 -17.22
N GLU F 40 -18.78 -1.86 -18.25
CA GLU F 40 -19.76 -0.81 -18.46
C GLU F 40 -21.01 -1.45 -18.99
N GLY F 41 -20.81 -2.58 -19.67
CA GLY F 41 -21.92 -3.32 -20.21
C GLY F 41 -22.84 -3.75 -19.08
N TYR F 42 -22.27 -4.07 -17.92
CA TYR F 42 -23.08 -4.49 -16.79
C TYR F 42 -23.11 -3.62 -15.53
N GLU F 43 -22.46 -2.46 -15.50
CA GLU F 43 -22.49 -1.68 -14.25
C GLU F 43 -23.88 -1.52 -13.70
N GLN F 44 -24.86 -1.26 -14.57
CA GLN F 44 -26.25 -1.09 -14.12
C GLN F 44 -27.24 -2.04 -14.78
N PRO F 45 -28.37 -2.28 -14.11
CA PRO F 45 -29.36 -3.18 -14.68
C PRO F 45 -30.13 -2.44 -15.74
N SER F 46 -30.55 -3.14 -16.79
CA SER F 46 -31.30 -2.57 -17.89
C SER F 46 -32.38 -1.58 -17.46
N GLU F 47 -32.67 -0.66 -18.39
CA GLU F 47 -33.66 0.39 -18.22
C GLU F 47 -35.05 -0.17 -17.90
N GLU F 48 -35.39 -1.33 -18.47
CA GLU F 48 -36.69 -1.93 -18.18
C GLU F 48 -36.68 -2.56 -16.80
N ASP F 49 -35.67 -3.39 -16.54
CA ASP F 49 -35.53 -4.02 -15.23
C ASP F 49 -35.52 -2.92 -14.18
N LEU F 50 -34.63 -1.95 -14.39
CA LEU F 50 -34.52 -0.85 -13.47
C LEU F 50 -35.86 -0.16 -13.33
N LYS F 51 -36.56 0.01 -14.44
CA LYS F 51 -37.87 0.66 -14.44
C LYS F 51 -38.92 -0.13 -13.65
N ARG F 52 -38.92 -1.44 -13.86
CA ARG F 52 -39.88 -2.35 -13.21
C ARG F 52 -39.81 -2.37 -11.69
N VAL F 53 -38.61 -2.46 -11.14
CA VAL F 53 -38.39 -2.51 -9.70
C VAL F 53 -38.60 -1.18 -9.02
N THR F 54 -38.20 -0.11 -9.70
CA THR F 54 -38.30 1.23 -9.16
C THR F 54 -39.69 1.88 -9.32
N GLN F 55 -40.67 1.09 -9.77
CA GLN F 55 -42.04 1.58 -9.96
C GLN F 55 -42.70 2.05 -8.64
N THR F 56 -43.21 3.27 -8.65
CA THR F 56 -43.85 3.80 -7.46
C THR F 56 -43.77 5.31 -7.40
N TRP F 57 -44.91 5.96 -7.29
CA TRP F 57 -44.94 7.41 -7.21
C TRP F 57 -45.57 7.88 -5.91
N ASP F 65 -43.15 2.64 8.05
CA ASP F 65 -43.05 1.69 6.91
C ASP F 65 -41.60 1.35 6.59
N SER F 66 -41.09 0.28 7.21
CA SER F 66 -39.71 -0.16 7.02
C SER F 66 -39.53 -1.21 5.92
N ASP F 67 -40.54 -1.39 5.07
CA ASP F 67 -40.40 -2.39 4.01
C ASP F 67 -40.01 -1.74 2.69
N MET F 68 -40.04 -0.42 2.65
CA MET F 68 -39.69 0.30 1.45
C MET F 68 -38.19 0.35 1.21
N PRO F 69 -37.42 0.89 2.17
CA PRO F 69 -35.99 0.91 1.89
C PRO F 69 -35.61 -0.53 1.70
N PHE F 70 -36.15 -1.38 2.57
CA PHE F 70 -35.89 -2.81 2.53
C PHE F 70 -36.19 -3.46 1.19
N ARG F 71 -37.35 -3.15 0.63
CA ARG F 71 -37.71 -3.73 -0.66
C ARG F 71 -36.70 -3.33 -1.74
N GLN F 72 -36.47 -2.01 -1.86
CA GLN F 72 -35.52 -1.50 -2.85
C GLN F 72 -34.12 -2.10 -2.69
N ILE F 73 -33.51 -1.96 -1.52
CA ILE F 73 -32.19 -2.51 -1.28
C ILE F 73 -32.12 -3.98 -1.66
N THR F 74 -33.07 -4.78 -1.19
CA THR F 74 -33.09 -6.20 -1.50
C THR F 74 -33.35 -6.45 -3.00
N GLU F 75 -34.37 -5.81 -3.56
CA GLU F 75 -34.67 -5.95 -5.00
C GLU F 75 -33.49 -5.51 -5.91
N MET F 76 -32.84 -4.39 -5.57
CA MET F 76 -31.69 -3.90 -6.33
C MET F 76 -30.52 -4.87 -6.24
N THR F 77 -30.37 -5.53 -5.09
CA THR F 77 -29.28 -6.49 -4.89
C THR F 77 -29.47 -7.68 -5.81
N ILE F 78 -30.72 -8.13 -5.96
CA ILE F 78 -31.02 -9.26 -6.86
C ILE F 78 -30.61 -8.92 -8.31
N LEU F 79 -30.71 -7.65 -8.68
CA LEU F 79 -30.30 -7.23 -10.02
C LEU F 79 -28.79 -7.19 -10.07
N THR F 80 -28.18 -6.66 -9.01
CA THR F 80 -26.72 -6.60 -8.98
C THR F 80 -26.13 -7.99 -9.19
N VAL F 81 -26.57 -8.93 -8.38
CA VAL F 81 -26.06 -10.30 -8.44
C VAL F 81 -26.18 -10.87 -9.84
N GLN F 82 -27.35 -10.68 -10.44
CA GLN F 82 -27.58 -11.17 -11.79
C GLN F 82 -26.50 -10.65 -12.76
N LEU F 83 -26.29 -9.33 -12.76
CA LEU F 83 -25.29 -8.68 -13.60
C LEU F 83 -23.91 -9.29 -13.34
N ILE F 84 -23.59 -9.46 -12.06
CA ILE F 84 -22.32 -10.02 -11.62
C ILE F 84 -22.13 -11.39 -12.19
N VAL F 85 -23.22 -12.18 -12.18
CA VAL F 85 -23.18 -13.55 -12.69
C VAL F 85 -22.93 -13.52 -14.20
N GLU F 86 -23.75 -12.81 -14.96
CA GLU F 86 -23.54 -12.75 -16.39
C GLU F 86 -22.12 -12.28 -16.76
N PHE F 87 -21.61 -11.31 -16.02
CA PHE F 87 -20.27 -10.82 -16.30
C PHE F 87 -19.28 -11.93 -16.14
N ALA F 88 -19.48 -12.73 -15.09
CA ALA F 88 -18.61 -13.84 -14.77
C ALA F 88 -18.54 -14.85 -15.91
N LYS F 89 -19.65 -15.04 -16.62
CA LYS F 89 -19.66 -15.98 -17.73
C LYS F 89 -18.98 -15.37 -18.97
N GLY F 90 -19.05 -14.05 -19.13
CA GLY F 90 -18.40 -13.43 -20.26
C GLY F 90 -16.88 -13.41 -20.05
N LEU F 91 -16.41 -14.28 -19.17
CA LEU F 91 -14.99 -14.33 -18.85
C LEU F 91 -14.25 -15.46 -19.50
N PRO F 92 -13.12 -15.13 -20.11
CA PRO F 92 -12.28 -16.13 -20.78
C PRO F 92 -11.86 -17.23 -19.81
N GLY F 93 -12.17 -18.47 -20.16
CA GLY F 93 -11.79 -19.58 -19.30
C GLY F 93 -12.90 -20.05 -18.38
N PHE F 94 -13.93 -19.23 -18.19
CA PHE F 94 -15.00 -19.63 -17.31
C PHE F 94 -15.73 -20.87 -17.77
N ALA F 95 -16.08 -20.93 -19.04
CA ALA F 95 -16.80 -22.09 -19.57
C ALA F 95 -15.97 -23.38 -19.50
N LYS F 96 -14.68 -23.25 -19.16
CA LYS F 96 -13.78 -24.41 -19.04
C LYS F 96 -13.92 -25.02 -17.64
N ILE F 97 -14.86 -24.51 -16.88
CA ILE F 97 -15.04 -24.99 -15.52
C ILE F 97 -16.23 -25.94 -15.42
N SER F 98 -16.14 -26.90 -14.52
CA SER F 98 -17.22 -27.85 -14.33
C SER F 98 -18.40 -27.06 -13.78
N GLN F 99 -19.60 -27.42 -14.21
CA GLN F 99 -20.79 -26.73 -13.72
C GLN F 99 -20.73 -26.69 -12.20
N SER F 100 -20.20 -27.77 -11.61
CA SER F 100 -20.07 -27.88 -10.17
C SER F 100 -19.23 -26.71 -9.64
N ASP F 101 -18.05 -26.54 -10.22
CA ASP F 101 -17.16 -25.47 -9.83
C ASP F 101 -17.70 -24.10 -10.16
N GLN F 102 -18.23 -23.94 -11.38
CA GLN F 102 -18.78 -22.68 -11.80
C GLN F 102 -19.75 -22.11 -10.77
N ILE F 103 -20.65 -22.93 -10.27
CA ILE F 103 -21.59 -22.47 -9.26
C ILE F 103 -20.84 -22.27 -7.95
N THR F 104 -19.69 -22.92 -7.83
CA THR F 104 -18.88 -22.78 -6.64
C THR F 104 -18.19 -21.41 -6.65
N LEU F 105 -17.50 -21.10 -7.74
CA LEU F 105 -16.80 -19.82 -7.85
C LEU F 105 -17.82 -18.71 -7.79
N LEU F 106 -18.81 -18.77 -8.67
CA LEU F 106 -19.84 -17.74 -8.68
C LEU F 106 -20.49 -17.52 -7.32
N LYS F 107 -20.79 -18.62 -6.64
CA LYS F 107 -21.45 -18.54 -5.33
C LYS F 107 -20.65 -17.82 -4.29
N ALA F 108 -19.32 -17.92 -4.37
CA ALA F 108 -18.49 -17.25 -3.39
C ALA F 108 -18.13 -15.83 -3.81
N CYS F 109 -18.10 -15.59 -5.11
CA CYS F 109 -17.74 -14.27 -5.63
C CYS F 109 -18.93 -13.33 -5.62
N SER F 110 -20.13 -13.87 -5.79
CA SER F 110 -21.31 -13.02 -5.84
C SER F 110 -21.26 -11.87 -4.84
N SER F 111 -21.07 -12.18 -3.57
CA SER F 111 -21.07 -11.16 -2.55
C SER F 111 -19.83 -10.26 -2.47
N GLU F 112 -18.67 -10.78 -2.86
CA GLU F 112 -17.42 -10.01 -2.80
C GLU F 112 -17.25 -9.00 -3.97
N VAL F 113 -17.78 -9.33 -5.14
CA VAL F 113 -17.68 -8.42 -6.27
C VAL F 113 -18.72 -7.32 -6.04
N MET F 114 -19.87 -7.72 -5.57
CA MET F 114 -20.90 -6.78 -5.28
C MET F 114 -20.35 -5.70 -4.38
N MET F 115 -19.19 -5.97 -3.80
CA MET F 115 -18.51 -5.06 -2.88
C MET F 115 -17.68 -4.03 -3.67
N LEU F 116 -17.04 -4.53 -4.73
CA LEU F 116 -16.23 -3.71 -5.62
C LEU F 116 -17.21 -2.77 -6.26
N ARG F 117 -18.38 -3.30 -6.62
CA ARG F 117 -19.39 -2.46 -7.25
C ARG F 117 -20.07 -1.44 -6.33
N VAL F 118 -20.11 -1.66 -5.03
CA VAL F 118 -20.71 -0.60 -4.26
C VAL F 118 -19.65 0.52 -4.11
N ALA F 119 -18.37 0.16 -4.20
CA ALA F 119 -17.31 1.16 -4.09
C ALA F 119 -17.40 2.14 -5.25
N ARG F 120 -17.58 1.60 -6.45
CA ARG F 120 -17.67 2.45 -7.60
C ARG F 120 -18.82 3.47 -7.61
N ARG F 121 -19.90 3.20 -6.87
CA ARG F 121 -21.01 4.15 -6.84
C ARG F 121 -21.04 4.92 -5.50
N TYR F 122 -19.90 4.98 -4.81
CA TYR F 122 -19.85 5.72 -3.56
C TYR F 122 -19.48 7.18 -3.87
N ASP F 123 -20.08 8.10 -3.11
CA ASP F 123 -19.89 9.54 -3.26
C ASP F 123 -19.33 10.11 -1.98
N ALA F 124 -18.05 10.49 -2.01
CA ALA F 124 -17.40 11.04 -0.81
C ALA F 124 -18.05 12.31 -0.26
N ALA F 125 -18.49 13.17 -1.16
CA ALA F 125 -19.12 14.40 -0.75
C ALA F 125 -20.26 14.15 0.22
N THR F 126 -21.07 13.12 -0.02
CA THR F 126 -22.21 12.84 0.90
C THR F 126 -22.07 11.60 1.76
N ASP F 127 -20.98 10.86 1.59
CA ASP F 127 -20.75 9.66 2.37
C ASP F 127 -21.91 8.65 2.21
N SER F 128 -22.48 8.60 1.03
CA SER F 128 -23.60 7.73 0.76
C SER F 128 -23.33 6.85 -0.45
N VAL F 129 -24.22 5.90 -0.72
CA VAL F 129 -24.07 5.04 -1.89
C VAL F 129 -25.17 5.41 -2.86
N LEU F 130 -24.84 5.46 -4.15
CA LEU F 130 -25.83 5.81 -5.15
C LEU F 130 -26.38 4.63 -5.93
N PHE F 131 -27.65 4.32 -5.72
CA PHE F 131 -28.29 3.22 -6.42
C PHE F 131 -28.51 3.56 -7.89
N ALA F 132 -28.64 2.51 -8.72
CA ALA F 132 -28.81 2.62 -10.15
C ALA F 132 -29.93 3.53 -10.62
N ASN F 133 -30.79 3.93 -9.70
CA ASN F 133 -31.90 4.83 -10.04
C ASN F 133 -31.50 6.24 -9.63
N ASN F 134 -30.20 6.48 -9.47
CA ASN F 134 -29.68 7.77 -9.08
C ASN F 134 -30.09 8.25 -7.71
N GLN F 135 -30.49 7.35 -6.82
CA GLN F 135 -30.86 7.79 -5.48
C GLN F 135 -29.69 7.54 -4.51
N ALA F 136 -29.48 8.47 -3.59
CA ALA F 136 -28.39 8.35 -2.63
C ALA F 136 -28.89 7.76 -1.33
N TYR F 137 -28.28 6.64 -0.93
CA TYR F 137 -28.63 5.96 0.30
C TYR F 137 -27.59 6.21 1.37
N THR F 138 -28.04 6.82 2.45
CA THR F 138 -27.17 7.16 3.58
C THR F 138 -27.09 6.10 4.66
N ARG F 139 -26.16 6.27 5.58
CA ARG F 139 -26.02 5.32 6.68
C ARG F 139 -27.36 5.27 7.41
N ASP F 140 -28.14 6.35 7.31
CA ASP F 140 -29.45 6.40 7.96
C ASP F 140 -30.52 5.58 7.25
N ASN F 141 -30.43 5.47 5.93
CA ASN F 141 -31.38 4.67 5.16
C ASN F 141 -31.15 3.21 5.48
N TYR F 142 -29.90 2.80 5.48
CA TYR F 142 -29.58 1.42 5.77
C TYR F 142 -30.02 1.11 7.19
N ARG F 143 -30.09 2.13 8.05
CA ARG F 143 -30.57 1.87 9.39
C ARG F 143 -32.00 1.39 9.15
N LYS F 144 -32.90 2.36 8.94
CA LYS F 144 -34.30 2.08 8.69
C LYS F 144 -34.57 0.69 8.11
N ALA F 145 -33.92 0.35 7.00
CA ALA F 145 -34.20 -0.97 6.39
C ALA F 145 -33.68 -2.15 7.20
N GLY F 146 -33.13 -1.86 8.37
CA GLY F 146 -32.61 -2.90 9.25
C GLY F 146 -31.27 -3.48 8.83
N MET F 147 -30.59 -2.79 7.92
CA MET F 147 -29.27 -3.18 7.42
C MET F 147 -28.23 -2.36 8.19
N ALA F 148 -28.66 -1.73 9.28
CA ALA F 148 -27.79 -0.90 10.11
C ALA F 148 -26.48 -1.57 10.52
N TYR F 149 -26.44 -2.90 10.43
CA TYR F 149 -25.25 -3.69 10.80
C TYR F 149 -24.13 -3.69 9.74
N VAL F 150 -24.54 -3.80 8.49
CA VAL F 150 -23.65 -3.86 7.37
C VAL F 150 -23.05 -2.53 6.88
N ILE F 151 -23.73 -1.42 7.20
CA ILE F 151 -23.30 -0.14 6.68
C ILE F 151 -22.05 0.58 7.18
N GLU F 152 -21.80 0.66 8.48
CA GLU F 152 -20.59 1.37 8.93
C GLU F 152 -19.28 0.85 8.36
N ASP F 153 -19.21 -0.46 8.15
CA ASP F 153 -18.02 -1.13 7.60
C ASP F 153 -17.99 -1.02 6.08
N LEU F 154 -19.16 -1.12 5.45
CA LEU F 154 -19.26 -1.07 3.99
C LEU F 154 -18.84 0.30 3.46
N LEU F 155 -19.22 1.31 4.23
CA LEU F 155 -18.91 2.69 3.89
C LEU F 155 -17.41 3.01 4.18
N HIS F 156 -16.79 2.36 5.17
CA HIS F 156 -15.38 2.56 5.49
C HIS F 156 -14.54 1.99 4.32
N PHE F 157 -14.99 0.85 3.82
CA PHE F 157 -14.30 0.22 2.72
C PHE F 157 -14.34 1.13 1.51
N CYS F 158 -15.45 1.87 1.36
CA CYS F 158 -15.63 2.80 0.24
C CYS F 158 -14.68 3.99 0.36
N ARG F 159 -14.60 4.57 1.54
CA ARG F 159 -13.67 5.64 1.74
C ARG F 159 -12.27 5.13 1.39
N CYS F 160 -11.92 3.92 1.79
CA CYS F 160 -10.59 3.37 1.47
C CYS F 160 -10.37 3.05 -0.02
N MET F 161 -11.44 2.80 -0.76
CA MET F 161 -11.33 2.48 -2.17
C MET F 161 -11.30 3.77 -2.96
N TYR F 162 -11.84 4.79 -2.34
CA TYR F 162 -11.90 6.12 -2.92
C TYR F 162 -10.46 6.67 -3.06
N SER F 163 -9.82 6.91 -1.92
CA SER F 163 -8.45 7.45 -1.92
C SER F 163 -7.55 6.52 -2.69
N MET F 164 -7.99 5.30 -2.91
CA MET F 164 -7.20 4.35 -3.67
C MET F 164 -7.05 4.93 -5.07
N MET F 165 -8.13 5.52 -5.57
CA MET F 165 -8.16 6.10 -6.92
C MET F 165 -7.78 5.08 -7.97
N MET F 166 -8.66 4.14 -8.30
CA MET F 166 -8.30 3.15 -9.30
C MET F 166 -8.96 3.38 -10.64
N ASP F 167 -8.34 2.89 -11.70
CA ASP F 167 -8.93 3.07 -13.02
C ASP F 167 -9.72 1.83 -13.39
N ASN F 168 -10.65 2.01 -14.32
CA ASN F 168 -11.51 0.96 -14.75
C ASN F 168 -10.82 -0.32 -15.23
N VAL F 169 -9.53 -0.25 -15.51
CA VAL F 169 -8.82 -1.46 -15.91
C VAL F 169 -8.61 -2.29 -14.65
N HIS F 170 -8.04 -1.63 -13.65
CA HIS F 170 -7.80 -2.25 -12.37
C HIS F 170 -9.10 -2.94 -12.01
N TYR F 171 -10.10 -2.15 -11.65
CA TYR F 171 -11.39 -2.69 -11.29
C TYR F 171 -11.84 -3.88 -12.11
N ALA F 172 -11.74 -3.81 -13.43
CA ALA F 172 -12.18 -4.96 -14.24
C ALA F 172 -11.27 -6.18 -14.00
N LEU F 173 -9.97 -5.95 -14.07
CA LEU F 173 -9.03 -7.01 -13.84
C LEU F 173 -9.28 -7.60 -12.42
N LEU F 174 -9.24 -6.74 -11.41
CA LEU F 174 -9.49 -7.16 -10.03
C LEU F 174 -10.71 -8.07 -9.95
N THR F 175 -11.83 -7.59 -10.49
CA THR F 175 -13.05 -8.37 -10.47
C THR F 175 -12.75 -9.78 -10.95
N ALA F 176 -12.31 -9.87 -12.20
CA ALA F 176 -12.00 -11.16 -12.81
C ALA F 176 -11.25 -12.05 -11.81
N ILE F 177 -10.14 -11.51 -11.30
CA ILE F 177 -9.32 -12.21 -10.32
C ILE F 177 -10.18 -12.82 -9.21
N VAL F 178 -10.90 -11.97 -8.48
CA VAL F 178 -11.80 -12.41 -7.38
C VAL F 178 -12.59 -13.66 -7.79
N ILE F 179 -13.15 -13.66 -9.00
CA ILE F 179 -13.92 -14.79 -9.48
C ILE F 179 -13.16 -16.11 -9.58
N PHE F 180 -11.91 -16.08 -10.03
CA PHE F 180 -11.15 -17.33 -10.11
C PHE F 180 -10.26 -17.50 -8.87
N SER F 181 -10.66 -16.82 -7.80
CA SER F 181 -9.98 -16.88 -6.52
C SER F 181 -10.27 -18.27 -6.00
N ASP F 182 -9.25 -18.91 -5.44
CA ASP F 182 -9.38 -20.27 -4.91
C ASP F 182 -10.52 -20.31 -3.92
N ARG F 183 -11.46 -21.24 -4.12
CA ARG F 183 -12.59 -21.42 -3.21
C ARG F 183 -12.69 -22.89 -2.76
N PRO F 184 -13.18 -23.11 -1.56
CA PRO F 184 -13.36 -24.44 -0.99
C PRO F 184 -14.54 -25.11 -1.65
N GLY F 185 -14.33 -26.33 -2.15
CA GLY F 185 -15.39 -27.07 -2.81
C GLY F 185 -15.02 -27.26 -4.27
N LEU F 186 -13.87 -26.71 -4.64
CA LEU F 186 -13.36 -26.75 -6.00
C LEU F 186 -12.86 -28.12 -6.46
N GLU F 187 -13.29 -28.55 -7.64
CA GLU F 187 -12.91 -29.83 -8.25
C GLU F 187 -11.53 -29.79 -8.95
N GLN F 188 -11.34 -28.82 -9.84
CA GLN F 188 -10.06 -28.66 -10.55
C GLN F 188 -9.37 -27.42 -10.00
N PRO F 189 -9.19 -27.36 -8.66
CA PRO F 189 -8.55 -26.22 -8.02
C PRO F 189 -7.35 -25.67 -8.79
N LEU F 190 -6.40 -26.55 -9.10
CA LEU F 190 -5.20 -26.15 -9.83
C LEU F 190 -5.47 -25.43 -11.16
N LEU F 191 -6.57 -25.82 -11.79
CA LEU F 191 -6.98 -25.22 -13.05
C LEU F 191 -7.21 -23.73 -12.82
N VAL F 192 -8.27 -23.44 -12.05
CA VAL F 192 -8.65 -22.07 -11.73
C VAL F 192 -7.46 -21.21 -11.35
N GLU F 193 -6.58 -21.75 -10.51
CA GLU F 193 -5.41 -20.99 -10.06
C GLU F 193 -4.68 -20.32 -11.19
N GLU F 194 -4.66 -20.98 -12.35
CA GLU F 194 -3.97 -20.46 -13.52
C GLU F 194 -4.89 -19.60 -14.34
N ILE F 195 -6.14 -20.03 -14.46
CA ILE F 195 -7.10 -19.23 -15.18
C ILE F 195 -6.99 -17.85 -14.53
N GLN F 196 -6.61 -17.85 -13.25
CA GLN F 196 -6.45 -16.64 -12.45
C GLN F 196 -5.06 -16.03 -12.63
N ARG F 197 -4.04 -16.89 -12.68
CA ARG F 197 -2.67 -16.45 -12.85
C ARG F 197 -2.57 -15.51 -14.05
N TYR F 198 -3.46 -15.74 -15.02
CA TYR F 198 -3.48 -14.91 -16.21
C TYR F 198 -3.89 -13.49 -15.83
N TYR F 199 -5.11 -13.34 -15.34
CA TYR F 199 -5.58 -12.01 -14.97
C TYR F 199 -4.64 -11.37 -13.97
N LEU F 200 -4.13 -12.17 -13.04
CA LEU F 200 -3.22 -11.64 -12.05
C LEU F 200 -2.01 -11.07 -12.76
N ASN F 201 -1.58 -11.81 -13.77
CA ASN F 201 -0.42 -11.44 -14.56
C ASN F 201 -0.68 -10.18 -15.41
N THR F 202 -1.77 -10.17 -16.17
CA THR F 202 -2.14 -9.01 -16.97
C THR F 202 -2.08 -7.74 -16.09
N LEU F 203 -2.69 -7.79 -14.90
CA LEU F 203 -2.70 -6.65 -14.00
C LEU F 203 -1.30 -6.20 -13.67
N ARG F 204 -0.41 -7.16 -13.46
CA ARG F 204 0.98 -6.84 -13.14
C ARG F 204 1.51 -5.96 -14.26
N VAL F 205 1.46 -6.48 -15.49
CA VAL F 205 1.93 -5.75 -16.67
C VAL F 205 1.35 -4.34 -16.81
N TYR F 206 0.03 -4.24 -16.89
CA TYR F 206 -0.66 -2.97 -17.05
C TYR F 206 -0.26 -1.89 -16.03
N ILE F 207 0.14 -2.33 -14.84
CA ILE F 207 0.56 -1.41 -13.80
C ILE F 207 2.01 -1.03 -14.12
N LEU F 208 2.74 -2.01 -14.65
CA LEU F 208 4.15 -1.86 -15.02
C LEU F 208 4.38 -0.91 -16.18
N ASN F 209 3.31 -0.63 -16.92
CA ASN F 209 3.42 0.28 -18.03
C ASN F 209 2.86 1.63 -17.60
N GLN F 210 1.70 1.65 -16.99
CA GLN F 210 1.08 2.90 -16.57
C GLN F 210 1.97 3.83 -15.78
N ASN F 211 3.02 3.30 -15.18
CA ASN F 211 3.96 4.15 -14.43
C ASN F 211 5.35 3.61 -14.71
N SER F 212 6.37 4.38 -14.34
CA SER F 212 7.73 3.93 -14.54
C SER F 212 7.88 2.64 -13.74
N ALA F 213 8.20 1.55 -14.44
CA ALA F 213 8.38 0.23 -13.80
C ALA F 213 9.41 0.39 -12.70
N SER F 214 9.10 1.31 -11.79
CA SER F 214 9.95 1.66 -10.66
C SER F 214 9.52 0.94 -9.38
N PRO F 215 10.09 1.34 -8.23
CA PRO F 215 9.74 0.71 -6.96
C PRO F 215 8.22 0.68 -6.74
N ARG F 216 7.64 1.86 -6.59
CA ARG F 216 6.20 2.00 -6.37
C ARG F 216 5.36 1.06 -7.21
N CYS F 217 5.91 0.54 -8.29
CA CYS F 217 5.15 -0.36 -9.14
C CYS F 217 4.59 -1.56 -8.37
N ALA F 218 5.33 -2.08 -7.40
CA ALA F 218 4.81 -3.19 -6.61
C ALA F 218 3.81 -2.62 -5.60
N VAL F 219 4.24 -1.65 -4.80
CA VAL F 219 3.37 -0.99 -3.82
C VAL F 219 1.95 -0.85 -4.36
N ILE F 220 1.81 -0.57 -5.65
CA ILE F 220 0.49 -0.41 -6.24
C ILE F 220 -0.12 -1.81 -6.40
N PHE F 221 0.63 -2.71 -7.01
CA PHE F 221 0.16 -4.08 -7.19
C PHE F 221 -0.29 -4.72 -5.87
N GLY F 222 0.39 -4.36 -4.79
CA GLY F 222 0.09 -4.90 -3.46
C GLY F 222 -1.20 -4.34 -2.87
N LYS F 223 -1.27 -3.02 -2.73
CA LYS F 223 -2.49 -2.40 -2.19
C LYS F 223 -3.72 -2.97 -2.89
N ILE F 224 -3.60 -3.18 -4.19
CA ILE F 224 -4.70 -3.71 -4.96
C ILE F 224 -4.99 -5.15 -4.52
N LEU F 225 -3.99 -6.01 -4.54
CA LEU F 225 -4.23 -7.38 -4.12
C LEU F 225 -4.77 -7.44 -2.66
N GLY F 226 -4.53 -6.37 -1.90
CA GLY F 226 -4.97 -6.27 -0.52
C GLY F 226 -6.45 -6.15 -0.47
N ILE F 227 -7.04 -5.54 -1.48
CA ILE F 227 -8.50 -5.41 -1.55
C ILE F 227 -9.12 -6.82 -1.41
N LEU F 228 -8.42 -7.82 -1.90
CA LEU F 228 -8.93 -9.16 -1.78
C LEU F 228 -9.25 -9.49 -0.32
N THR F 229 -8.30 -9.35 0.58
CA THR F 229 -8.61 -9.74 1.92
C THR F 229 -9.72 -8.89 2.61
N GLU F 230 -9.80 -7.62 2.31
CA GLU F 230 -10.85 -6.84 2.96
C GLU F 230 -12.25 -7.30 2.47
N ILE F 231 -12.30 -7.62 1.19
CA ILE F 231 -13.50 -8.07 0.55
C ILE F 231 -14.00 -9.40 1.17
N ARG F 232 -13.10 -10.14 1.81
CA ARG F 232 -13.47 -11.39 2.47
C ARG F 232 -14.21 -11.05 3.79
N THR F 233 -13.75 -10.03 4.50
CA THR F 233 -14.43 -9.66 5.73
C THR F 233 -15.84 -9.08 5.47
N LEU F 234 -16.00 -8.29 4.40
CA LEU F 234 -17.28 -7.72 4.09
C LEU F 234 -18.20 -8.79 3.54
N GLY F 235 -17.62 -9.89 3.10
CA GLY F 235 -18.43 -10.97 2.58
C GLY F 235 -19.15 -11.70 3.71
N MET F 236 -18.41 -12.00 4.77
CA MET F 236 -18.97 -12.66 5.93
C MET F 236 -20.04 -11.76 6.57
N GLN F 237 -19.84 -10.45 6.52
CA GLN F 237 -20.79 -9.56 7.13
C GLN F 237 -22.10 -9.58 6.36
N ASN F 238 -22.02 -9.71 5.05
CA ASN F 238 -23.21 -9.75 4.20
C ASN F 238 -24.01 -11.01 4.59
N SER F 239 -23.30 -12.12 4.79
CA SER F 239 -23.89 -13.39 5.20
C SER F 239 -24.55 -13.31 6.56
N ASN F 240 -23.83 -12.74 7.51
CA ASN F 240 -24.36 -12.59 8.85
C ASN F 240 -25.59 -11.74 8.81
N MET F 241 -25.62 -10.79 7.88
CA MET F 241 -26.76 -9.90 7.73
C MET F 241 -27.91 -10.72 7.17
N CYS F 242 -27.63 -11.61 6.23
CA CYS F 242 -28.67 -12.46 5.66
C CYS F 242 -29.19 -13.31 6.79
N ILE F 243 -28.28 -13.82 7.62
CA ILE F 243 -28.69 -14.62 8.77
C ILE F 243 -29.50 -13.77 9.76
N SER F 244 -28.90 -12.72 10.29
CA SER F 244 -29.63 -11.87 11.23
C SER F 244 -30.88 -11.24 10.60
N LEU F 245 -31.24 -11.68 9.41
CA LEU F 245 -32.43 -11.16 8.74
C LEU F 245 -33.45 -12.27 8.57
N LYS F 246 -32.97 -13.48 8.33
CA LYS F 246 -33.88 -14.60 8.20
C LYS F 246 -34.41 -14.76 9.64
N LEU F 247 -33.49 -14.64 10.59
CA LEU F 247 -33.81 -14.75 12.02
C LEU F 247 -34.83 -13.70 12.45
N LYS F 248 -34.79 -12.52 11.85
CA LYS F 248 -35.78 -11.49 12.20
C LYS F 248 -37.05 -11.77 11.41
N ASN F 249 -37.10 -12.97 10.83
CA ASN F 249 -38.22 -13.39 10.01
C ASN F 249 -38.51 -12.23 9.07
N ARG F 250 -37.68 -12.11 8.05
CA ARG F 250 -37.81 -11.07 7.04
C ARG F 250 -37.40 -11.74 5.74
N LYS F 251 -38.38 -11.97 4.87
CA LYS F 251 -38.12 -12.65 3.62
C LYS F 251 -36.97 -12.09 2.80
N LEU F 252 -35.86 -12.82 2.84
CA LEU F 252 -34.70 -12.45 2.05
C LEU F 252 -35.01 -13.15 0.75
N PRO F 253 -35.08 -12.39 -0.36
CA PRO F 253 -35.38 -13.04 -1.62
C PRO F 253 -34.80 -14.46 -1.72
N PRO F 254 -35.62 -15.43 -2.15
CA PRO F 254 -35.15 -16.80 -2.30
C PRO F 254 -33.89 -16.83 -3.13
N PHE F 255 -33.89 -16.07 -4.22
CA PHE F 255 -32.75 -16.02 -5.11
C PHE F 255 -31.42 -15.75 -4.37
N LEU F 256 -31.47 -14.80 -3.44
CA LEU F 256 -30.30 -14.43 -2.66
C LEU F 256 -29.99 -15.45 -1.58
N GLU F 257 -31.05 -15.92 -0.91
CA GLU F 257 -30.94 -16.92 0.15
C GLU F 257 -30.25 -18.15 -0.41
N GLU F 258 -30.59 -18.46 -1.65
CA GLU F 258 -30.03 -19.61 -2.32
C GLU F 258 -28.58 -19.37 -2.69
N ILE F 259 -28.30 -18.34 -3.50
CA ILE F 259 -26.91 -18.09 -3.90
C ILE F 259 -25.89 -17.84 -2.77
N TRP F 260 -26.31 -17.31 -1.63
CA TRP F 260 -25.34 -17.12 -0.56
C TRP F 260 -25.35 -18.21 0.53
N ASP F 261 -25.97 -19.35 0.23
CA ASP F 261 -26.06 -20.48 1.16
C ASP F 261 -26.58 -20.08 2.53
N VAL F 262 -27.50 -19.12 2.53
CA VAL F 262 -28.10 -18.64 3.77
C VAL F 262 -29.06 -19.72 4.24
N ALA F 263 -28.63 -20.45 5.27
CA ALA F 263 -29.38 -21.56 5.86
C ALA F 263 -30.82 -21.21 6.28
C1 EPH G . -14.68 -32.60 22.11
C2 EPH G . -15.93 -31.80 22.55
C4 EPH G . -12.23 -32.22 22.40
O2 EPH G . -13.52 -31.84 22.54
O4 EPH G . -11.85 -33.24 21.89
C18 EPH G . -11.28 -31.14 22.99
C19 EPH G . -10.22 -30.65 21.98
C20 EPH G . -10.79 -29.64 20.99
C21 EPH G . -9.73 -29.22 20.01
C22 EPH G . -10.19 -28.08 19.11
C23 EPH G . -9.31 -26.81 19.25
C24 EPH G . -9.68 -25.94 20.48
C25 EPH G . -9.35 -24.43 20.28
C26 EPH G . -9.40 -23.55 21.57
C27 EPH G . -8.67 -22.20 21.38
C28 EPH G . -7.25 -22.18 21.95
C29 EPH G . -6.14 -22.67 20.98
C30 EPH G . -5.68 -21.66 19.88
C31 EPH G . -5.74 -20.14 20.17
C32 EPH G . -6.33 -19.26 19.02
C33 EPH G . -6.77 -19.98 17.72
C34 EPH G . -7.14 -18.98 16.61
C37 EPH G . -17.23 -32.52 22.16
O5 EPH G . -18.37 -31.78 22.68
C3 EPH G . -15.83 -29.38 22.66
O1 EPH G . -15.84 -30.50 21.91
O3 EPH G . -15.87 -29.34 23.86
C5 EPH G . -15.74 -28.11 21.79
C6 EPH G . -14.84 -27.05 22.42
C7 EPH G . -14.75 -25.77 21.63
C8 EPH G . -13.34 -25.43 21.22
C9 EPH G . -13.26 -24.12 20.45
C10 EPH G . -13.44 -24.30 18.95
C11 EPH G . -12.91 -23.12 18.15
C12 EPH G . -11.56 -23.43 17.55
C13 EPH G . -11.40 -22.82 16.16
C14 EPH G . -10.13 -21.97 16.08
C15 EPH G . -9.00 -22.51 15.14
C16 EPH G . -7.76 -23.13 15.85
C17 EPH G . -8.01 -24.54 16.35
C35 EPH G . -8.19 -25.46 15.15
C36 EPH G . -8.31 -26.89 15.64
P1 EPH G . -19.31 -31.20 21.61
O6 EPH G . -20.16 -30.23 22.24
O7 EPH G . -20.26 -32.24 21.91
O8 EPH G . -19.35 -31.57 20.22
C38 EPH G . -18.80 -30.40 19.37
C39 EPH G . -19.89 -29.84 18.48
N1 EPH G . -20.26 -30.84 17.47
C5 P1A H . -26.68 -0.62 -7.81
C10 P1A H . -25.35 -0.92 -6.99
C1 P1A H . -24.14 -1.28 -8.05
C2 P1A H . -24.62 -2.39 -9.03
C3 P1A H . -25.99 -2.02 -9.78
C4 P1A H . -27.12 -1.66 -8.82
C9 P1A H . -25.58 -2.17 -5.96
C19 P1A H . -24.95 0.50 -6.31
C11 P1A H . -24.27 -2.42 -5.10
C8 P1A H . -26.98 -1.95 -5.14
C12 P1A H . -24.57 -3.21 -3.84
C14 P1A H . -27.06 -2.70 -3.81
C13 P1A H . -25.76 -2.56 -2.93
C18 P1A H . -25.40 -1.08 -2.50
C17 P1A H . -26.18 -3.38 -1.67
O14 P1A H . -27.33 -4.02 -4.31
C15 P1A H . -28.24 -2.47 -2.81
C20 P1A H . -25.37 -3.57 -0.36
C16 P1A H . -27.67 -2.89 -1.44
C22 P1A H . -26.25 -4.51 0.71
O20 P1A H . -25.24 -2.29 0.17
C21 P1A H . -23.85 -4.11 -0.65
C6 P1A H . -27.91 -0.37 -6.83
C7 P1A H . -27.98 -1.12 -5.52
O3 P1A H . -25.79 -0.97 -10.51
O2 P1A H . -23.63 -2.71 -9.96
O22 P1A H . -25.60 -4.62 1.98
C23 P1A H . -26.51 -6.01 0.24
C24 P1A H . -27.40 -6.67 1.32
C25 P1A H . -28.20 -7.89 1.00
C26 P1A H . -29.52 -7.49 0.47
C27 P1A H . -28.30 -8.68 2.30
O6 P1A H . -28.81 0.36 -7.07
#